data_3NTR
#
_entry.id   3NTR
#
_cell.length_a   183.695
_cell.length_b   183.695
_cell.length_c   183.695
_cell.angle_alpha   90.000
_cell.angle_beta   90.000
_cell.angle_gamma   90.000
#
_symmetry.space_group_name_H-M   'I 21 3'
#
loop_
_entity.id
_entity.type
_entity.pdbx_description
1 polymer 'Inositol 2-dehydrogenase/D-chiro-inositol 3-dehydrogenase'
2 non-polymer NICOTINAMIDE-ADENINE-DINUCLEOTIDE
3 non-polymer 1,2,3,4,5,6-HEXAHYDROXY-CYCLOHEXANE
4 water water
#
_entity_poly.entity_id   1
_entity_poly.type   'polypeptide(L)'
_entity_poly.pdbx_seq_one_letter_code
;MSLRIGVIGTGAIGKEHINRITNKLSGAEIVAVTDVNQEAAQKVVEQYQLNATVYPNDDSLLADENVDAVLVTSWGPAHE
SSVLKAIKAQKYVFCEVPLATTAEGCMRIVEEEIKVGKRLVQVGFMRRYDSGYVQLKEALDNHVIGEPLMIHCAHRNPTV
GDNYTTDMAVVDTLVHEIDVLHWLVNDDYESVQVIYPKKSKNALPHLKDPQIVVIETKGGIVINAEIYVNCKYGYDIQCE
IVGEDGIIKLPEPSSISLRKEGRFSTDILMDWQRRFVAAYDVEIQDFIDSIQKKGEVSGPTAWDGYIAAVTTDACVKAQE
SGQKEKVELKEKPEFYQSFTTVQN
;
_entity_poly.pdbx_strand_id   A,B
#
loop_
_chem_comp.id
_chem_comp.type
_chem_comp.name
_chem_comp.formula
INS non-polymer 1,2,3,4,5,6-HEXAHYDROXY-CYCLOHEXANE 'C6 H12 O6'
NAD non-polymer NICOTINAMIDE-ADENINE-DINUCLEOTIDE 'C21 H27 N7 O14 P2'
#
# COMPACT_ATOMS: atom_id res chain seq x y z
N MET A 1 -19.30 14.35 -43.05
CA MET A 1 -18.29 13.59 -43.79
C MET A 1 -17.46 12.71 -42.85
N SER A 2 -17.81 11.42 -42.77
CA SER A 2 -17.26 10.52 -41.74
C SER A 2 -15.83 10.01 -41.99
N LEU A 3 -15.24 9.36 -40.97
CA LEU A 3 -13.86 8.84 -41.04
C LEU A 3 -13.84 7.37 -41.42
N ARG A 4 -13.06 7.06 -42.44
CA ARG A 4 -13.01 5.71 -43.00
C ARG A 4 -11.87 4.86 -42.40
N ILE A 5 -12.25 3.80 -41.70
CA ILE A 5 -11.34 3.08 -40.81
C ILE A 5 -11.14 1.63 -41.19
N GLY A 6 -9.87 1.24 -41.23
CA GLY A 6 -9.48 -0.13 -41.48
C GLY A 6 -8.98 -0.80 -40.22
N VAL A 7 -9.60 -1.93 -39.88
CA VAL A 7 -9.18 -2.74 -38.76
C VAL A 7 -8.29 -3.88 -39.20
N ILE A 8 -7.02 -3.85 -38.78
CA ILE A 8 -6.12 -4.99 -38.91
C ILE A 8 -6.18 -5.88 -37.66
N GLY A 9 -6.81 -7.02 -37.76
CA GLY A 9 -6.89 -7.91 -36.62
C GLY A 9 -8.28 -7.98 -36.04
N THR A 10 -9.10 -8.87 -36.58
CA THR A 10 -10.49 -8.98 -36.16
C THR A 10 -10.65 -10.00 -35.06
N GLY A 11 -9.86 -9.82 -33.99
CA GLY A 11 -9.90 -10.69 -32.83
C GLY A 11 -11.08 -10.47 -31.91
N ALA A 12 -10.92 -10.69 -30.61
CA ALA A 12 -12.01 -10.45 -29.68
C ALA A 12 -12.09 -8.98 -29.25
N ILE A 13 -10.95 -8.30 -29.12
CA ILE A 13 -10.96 -6.88 -28.80
C ILE A 13 -10.95 -6.05 -30.08
N GLY A 14 -10.52 -6.67 -31.17
CA GLY A 14 -10.68 -6.06 -32.48
C GLY A 14 -12.16 -5.96 -32.76
N LYS A 15 -12.91 -6.99 -32.37
CA LYS A 15 -14.37 -7.01 -32.56
C LYS A 15 -15.11 -6.03 -31.64
N GLU A 16 -14.55 -5.72 -30.49
CA GLU A 16 -15.25 -4.82 -29.60
C GLU A 16 -15.12 -3.39 -30.11
N HIS A 17 -13.97 -3.07 -30.68
CA HIS A 17 -13.77 -1.76 -31.26
C HIS A 17 -14.62 -1.57 -32.53
N ILE A 18 -14.85 -2.67 -33.24
CA ILE A 18 -15.64 -2.59 -34.45
C ILE A 18 -17.09 -2.34 -34.09
N ASN A 19 -17.56 -3.06 -33.07
CA ASN A 19 -18.93 -2.90 -32.60
C ASN A 19 -19.17 -1.52 -32.01
N ARG A 20 -18.18 -0.98 -31.32
CA ARG A 20 -18.40 0.32 -30.70
C ARG A 20 -18.45 1.39 -31.77
N ILE A 21 -17.47 1.40 -32.67
CA ILE A 21 -17.45 2.33 -33.80
C ILE A 21 -18.70 2.25 -34.70
N THR A 22 -19.18 1.04 -34.94
CA THR A 22 -20.40 0.84 -35.71
C THR A 22 -21.69 1.31 -35.01
N ASN A 23 -21.90 0.88 -33.77
CA ASN A 23 -23.21 1.00 -33.10
C ASN A 23 -23.29 1.89 -31.87
N LYS A 24 -22.17 2.54 -31.52
CA LYS A 24 -22.09 3.32 -30.30
C LYS A 24 -21.49 4.73 -30.44
N LEU A 25 -20.44 4.92 -31.23
CA LEU A 25 -19.81 6.23 -31.37
C LEU A 25 -20.35 7.03 -32.57
N SER A 26 -19.72 8.17 -32.88
CA SER A 26 -20.20 9.03 -33.96
C SER A 26 -19.07 9.39 -34.91
N GLY A 27 -19.43 9.43 -36.20
CA GLY A 27 -18.57 10.00 -37.23
C GLY A 27 -17.43 9.13 -37.73
N ALA A 28 -17.68 7.83 -37.88
CA ALA A 28 -16.70 6.90 -38.43
C ALA A 28 -17.35 5.59 -38.84
N GLU A 29 -16.70 4.88 -39.77
CA GLU A 29 -17.17 3.55 -40.18
C GLU A 29 -16.04 2.63 -40.58
N ILE A 30 -16.31 1.33 -40.55
CA ILE A 30 -15.33 0.34 -40.90
C ILE A 30 -15.59 -0.07 -42.34
N VAL A 31 -14.56 0.05 -43.18
CA VAL A 31 -14.64 -0.12 -44.63
C VAL A 31 -13.66 -1.18 -45.09
N ALA A 32 -12.83 -1.64 -44.17
CA ALA A 32 -11.71 -2.52 -44.51
C ALA A 32 -11.21 -3.30 -43.29
N VAL A 33 -11.23 -4.61 -43.40
CA VAL A 33 -10.73 -5.49 -42.36
C VAL A 33 -9.84 -6.56 -42.95
N THR A 34 -8.70 -6.82 -42.33
CA THR A 34 -7.90 -7.98 -42.67
C THR A 34 -7.62 -8.79 -41.43
N ASP A 35 -7.58 -10.11 -41.60
CA ASP A 35 -7.14 -10.99 -40.53
C ASP A 35 -6.25 -12.05 -41.14
N VAL A 36 -5.53 -12.76 -40.28
CA VAL A 36 -4.62 -13.79 -40.73
C VAL A 36 -5.37 -15.13 -40.87
N ASN A 37 -6.50 -15.21 -40.20
CA ASN A 37 -7.50 -16.22 -40.46
C ASN A 37 -8.58 -15.56 -41.33
N GLN A 38 -8.31 -15.47 -42.64
CA GLN A 38 -9.18 -14.73 -43.56
C GLN A 38 -10.67 -15.05 -43.46
N GLU A 39 -10.99 -16.26 -43.01
CA GLU A 39 -12.39 -16.66 -42.89
C GLU A 39 -13.05 -15.95 -41.70
N ALA A 40 -12.28 -15.70 -40.64
CA ALA A 40 -12.83 -15.03 -39.45
C ALA A 40 -13.19 -13.58 -39.75
N ALA A 41 -12.43 -12.94 -40.64
CA ALA A 41 -12.71 -11.57 -41.06
C ALA A 41 -13.93 -11.44 -41.99
N GLN A 42 -14.28 -12.51 -42.70
CA GLN A 42 -15.44 -12.47 -43.57
C GLN A 42 -16.67 -12.70 -42.72
N LYS A 43 -16.54 -13.52 -41.69
CA LYS A 43 -17.67 -13.83 -40.81
C LYS A 43 -17.99 -12.64 -39.93
N VAL A 44 -17.00 -11.74 -39.77
CA VAL A 44 -17.15 -10.54 -38.95
C VAL A 44 -17.91 -9.48 -39.74
N VAL A 45 -17.48 -9.27 -40.97
CA VAL A 45 -18.15 -8.33 -41.88
C VAL A 45 -19.64 -8.66 -42.03
N GLU A 46 -19.99 -9.94 -41.98
CA GLU A 46 -21.39 -10.35 -42.07
C GLU A 46 -22.13 -10.10 -40.77
N GLN A 47 -21.47 -10.39 -39.65
CA GLN A 47 -22.08 -10.31 -38.32
C GLN A 47 -22.52 -8.89 -37.93
N TYR A 48 -21.72 -7.89 -38.28
CA TYR A 48 -22.01 -6.51 -37.99
C TYR A 48 -22.46 -5.73 -39.23
N GLN A 49 -23.06 -6.41 -40.19
CA GLN A 49 -23.50 -5.81 -41.46
C GLN A 49 -22.63 -4.62 -41.88
N LEU A 50 -21.37 -4.89 -42.21
CA LEU A 50 -20.47 -3.82 -42.61
C LEU A 50 -20.50 -3.65 -44.11
N ASN A 51 -20.09 -2.47 -44.56
CA ASN A 51 -19.77 -2.26 -45.97
C ASN A 51 -18.26 -2.20 -46.09
N ALA A 52 -17.61 -3.35 -46.02
CA ALA A 52 -16.16 -3.38 -46.01
C ALA A 52 -15.52 -4.41 -46.94
N THR A 53 -14.35 -4.03 -47.46
CA THR A 53 -13.47 -4.89 -48.25
C THR A 53 -12.61 -5.79 -47.37
N VAL A 54 -12.61 -7.10 -47.63
CA VAL A 54 -11.78 -8.04 -46.86
C VAL A 54 -10.41 -8.31 -47.54
N TYR A 55 -9.36 -7.68 -47.03
CA TYR A 55 -8.01 -7.91 -47.56
C TYR A 55 -7.33 -9.16 -46.98
N PRO A 56 -6.39 -9.72 -47.75
CA PRO A 56 -5.62 -10.91 -47.35
C PRO A 56 -4.53 -10.53 -46.37
N ASN A 57 -4.12 -9.25 -46.38
CA ASN A 57 -3.01 -8.78 -45.57
C ASN A 57 -3.00 -7.26 -45.33
N ASP A 58 -2.27 -6.84 -44.31
CA ASP A 58 -2.16 -5.41 -44.01
C ASP A 58 -1.78 -4.55 -45.20
N ASP A 59 -0.81 -5.00 -46.00
CA ASP A 59 -0.27 -4.23 -47.13
C ASP A 59 -1.34 -3.85 -48.16
N SER A 60 -2.18 -4.82 -48.51
CA SER A 60 -3.24 -4.58 -49.48
C SER A 60 -4.35 -3.70 -48.89
N LEU A 61 -4.46 -3.69 -47.56
CA LEU A 61 -5.42 -2.84 -46.87
C LEU A 61 -4.88 -1.41 -46.80
N LEU A 62 -3.62 -1.25 -46.40
CA LEU A 62 -2.99 0.07 -46.37
C LEU A 62 -2.87 0.61 -47.80
N ALA A 63 -2.81 -0.31 -48.75
CA ALA A 63 -2.86 0.04 -50.15
C ALA A 63 -4.09 0.87 -50.45
N ASP A 64 -5.27 0.32 -50.13
CA ASP A 64 -6.56 1.00 -50.32
C ASP A 64 -6.51 2.47 -49.87
N GLU A 65 -7.03 3.38 -50.70
CA GLU A 65 -6.99 4.81 -50.40
C GLU A 65 -8.32 5.31 -49.89
N ASN A 66 -9.29 4.40 -49.84
CA ASN A 66 -10.50 4.60 -49.06
C ASN A 66 -10.15 4.90 -47.60
N VAL A 67 -9.35 4.00 -47.00
CA VAL A 67 -9.01 4.09 -45.57
C VAL A 67 -7.94 5.14 -45.22
N ASP A 68 -8.27 5.99 -44.25
CA ASP A 68 -7.33 6.98 -43.74
C ASP A 68 -6.93 6.71 -42.28
N ALA A 69 -7.46 5.61 -41.71
CA ALA A 69 -7.10 5.22 -40.35
C ALA A 69 -7.26 3.73 -40.07
N VAL A 70 -6.27 3.18 -39.37
CA VAL A 70 -6.31 1.78 -38.98
C VAL A 70 -6.27 1.54 -37.46
N LEU A 71 -7.13 0.64 -37.01
CA LEU A 71 -6.98 0.04 -35.70
C LEU A 71 -6.13 -1.19 -35.86
N VAL A 72 -5.02 -1.27 -35.13
CA VAL A 72 -4.26 -2.51 -35.05
C VAL A 72 -4.65 -3.29 -33.80
N THR A 73 -5.44 -4.35 -33.98
CA THR A 73 -5.97 -5.10 -32.87
C THR A 73 -5.73 -6.60 -33.07
N SER A 74 -4.52 -6.89 -33.53
CA SER A 74 -4.05 -8.24 -33.82
C SER A 74 -3.20 -8.84 -32.70
N TRP A 75 -3.03 -10.15 -32.73
CA TRP A 75 -2.15 -10.88 -31.82
C TRP A 75 -0.92 -10.03 -31.47
N GLY A 76 -0.51 -10.06 -30.20
CA GLY A 76 0.49 -9.16 -29.64
C GLY A 76 1.77 -8.84 -30.43
N PRO A 77 2.54 -9.87 -30.78
CA PRO A 77 3.83 -9.61 -31.42
C PRO A 77 3.67 -9.27 -32.89
N ALA A 78 2.42 -9.22 -33.33
CA ALA A 78 2.07 -8.86 -34.70
C ALA A 78 1.99 -7.35 -34.89
N HIS A 79 1.92 -6.63 -33.79
CA HIS A 79 1.71 -5.18 -33.83
C HIS A 79 2.85 -4.45 -34.54
N GLU A 80 4.06 -4.54 -34.03
CA GLU A 80 5.17 -3.78 -34.58
C GLU A 80 5.20 -3.83 -36.12
N SER A 81 4.96 -5.01 -36.67
CA SER A 81 4.93 -5.17 -38.13
C SER A 81 3.92 -4.23 -38.76
N SER A 82 2.66 -4.38 -38.38
CA SER A 82 1.53 -3.69 -38.99
C SER A 82 1.60 -2.17 -38.79
N VAL A 83 2.00 -1.73 -37.61
CA VAL A 83 2.11 -0.30 -37.34
C VAL A 83 3.11 0.39 -38.25
N LEU A 84 4.34 -0.14 -38.31
CA LEU A 84 5.38 0.40 -39.16
C LEU A 84 4.92 0.53 -40.62
N LYS A 85 4.22 -0.49 -41.10
CA LYS A 85 3.67 -0.46 -42.45
C LYS A 85 2.74 0.75 -42.58
N ALA A 86 1.75 0.82 -41.70
CA ALA A 86 0.75 1.89 -41.76
C ALA A 86 1.32 3.31 -41.56
N ILE A 87 2.51 3.43 -41.00
CA ILE A 87 3.12 4.75 -40.83
C ILE A 87 3.66 5.23 -42.16
N LYS A 88 4.28 4.31 -42.90
CA LYS A 88 4.79 4.61 -44.23
C LYS A 88 3.64 4.75 -45.24
N ALA A 89 2.61 3.91 -45.13
CA ALA A 89 1.41 4.09 -45.94
C ALA A 89 0.68 5.41 -45.63
N GLN A 90 1.19 6.16 -44.65
CA GLN A 90 0.64 7.47 -44.30
C GLN A 90 -0.80 7.47 -43.76
N LYS A 91 -1.19 6.37 -43.10
CA LYS A 91 -2.52 6.26 -42.48
C LYS A 91 -2.48 6.61 -40.98
N TYR A 92 -3.67 6.71 -40.39
CA TYR A 92 -3.77 6.88 -38.95
C TYR A 92 -3.91 5.53 -38.24
N VAL A 93 -3.01 5.31 -37.29
CA VAL A 93 -3.02 4.05 -36.59
C VAL A 93 -3.39 4.20 -35.13
N PHE A 94 -4.43 3.48 -34.74
CA PHE A 94 -4.71 3.28 -33.33
C PHE A 94 -4.20 1.92 -32.92
N CYS A 95 -3.23 1.88 -32.02
CA CYS A 95 -2.64 0.61 -31.67
C CYS A 95 -2.93 0.14 -30.24
N GLU A 96 -3.56 -1.01 -30.12
CA GLU A 96 -3.80 -1.62 -28.82
C GLU A 96 -2.48 -2.07 -28.18
N VAL A 97 -2.41 -2.09 -26.85
CA VAL A 97 -1.17 -2.52 -26.18
C VAL A 97 -0.88 -4.01 -26.40
N PRO A 98 0.41 -4.37 -26.58
CA PRO A 98 1.55 -3.47 -26.49
C PRO A 98 1.74 -2.70 -27.81
N LEU A 99 2.52 -1.63 -27.77
CA LEU A 99 2.90 -0.95 -29.01
C LEU A 99 3.68 -1.94 -29.88
N ALA A 100 4.72 -2.52 -29.29
CA ALA A 100 5.49 -3.61 -29.88
C ALA A 100 6.08 -4.41 -28.72
N THR A 101 6.37 -5.69 -28.92
CA THR A 101 6.78 -6.54 -27.79
C THR A 101 8.18 -6.21 -27.22
N THR A 102 9.07 -5.65 -28.05
CA THR A 102 10.45 -5.33 -27.64
C THR A 102 10.72 -3.81 -27.57
N ALA A 103 11.57 -3.41 -26.63
CA ALA A 103 11.86 -1.98 -26.43
C ALA A 103 12.40 -1.29 -27.69
N GLU A 104 13.24 -1.97 -28.47
CA GLU A 104 13.77 -1.36 -29.69
C GLU A 104 12.70 -1.28 -30.77
N GLY A 105 11.79 -2.26 -30.77
CA GLY A 105 10.69 -2.27 -31.72
C GLY A 105 9.84 -1.02 -31.59
N CYS A 106 9.72 -0.53 -30.37
CA CYS A 106 9.04 0.73 -30.13
C CYS A 106 9.89 1.87 -30.69
N MET A 107 11.19 1.74 -30.52
CA MET A 107 12.13 2.76 -30.97
C MET A 107 12.11 2.89 -32.50
N ARG A 108 12.04 1.77 -33.19
CA ARG A 108 11.96 1.79 -34.66
C ARG A 108 10.70 2.53 -35.10
N ILE A 109 9.62 2.36 -34.34
CA ILE A 109 8.33 3.01 -34.63
C ILE A 109 8.34 4.50 -34.31
N VAL A 110 9.05 4.88 -33.25
CA VAL A 110 9.23 6.30 -32.95
C VAL A 110 9.94 7.01 -34.10
N GLU A 111 11.08 6.43 -34.52
CA GLU A 111 11.90 7.02 -35.59
C GLU A 111 11.11 7.23 -36.87
N GLU A 112 10.31 6.24 -37.26
CA GLU A 112 9.45 6.39 -38.44
C GLU A 112 8.48 7.57 -38.35
N GLU A 113 7.76 7.67 -37.23
CA GLU A 113 6.80 8.75 -37.02
C GLU A 113 7.46 10.14 -37.02
N ILE A 114 8.69 10.21 -36.50
CA ILE A 114 9.42 11.48 -36.46
C ILE A 114 9.63 12.04 -37.87
N LYS A 115 10.04 11.18 -38.79
CA LYS A 115 10.16 11.53 -40.20
C LYS A 115 8.84 12.04 -40.75
N VAL A 116 7.83 11.18 -40.72
CA VAL A 116 6.51 11.47 -41.29
C VAL A 116 5.84 12.77 -40.77
N GLY A 117 6.53 13.50 -39.90
CA GLY A 117 6.20 14.89 -39.61
C GLY A 117 5.02 15.20 -38.71
N LYS A 118 4.04 14.32 -38.65
CA LYS A 118 2.90 14.49 -37.72
C LYS A 118 2.51 13.20 -36.98
N ARG A 119 1.84 13.36 -35.85
CA ARG A 119 1.38 12.22 -35.04
C ARG A 119 0.25 11.44 -35.71
N LEU A 120 0.52 10.17 -36.04
CA LEU A 120 -0.50 9.26 -36.57
C LEU A 120 -0.70 8.08 -35.63
N VAL A 121 0.14 7.99 -34.61
CA VAL A 121 0.10 6.90 -33.61
C VAL A 121 -0.54 7.25 -32.26
N GLN A 122 -1.61 6.54 -31.95
CA GLN A 122 -2.24 6.63 -30.63
C GLN A 122 -2.17 5.23 -30.04
N VAL A 123 -1.56 5.11 -28.87
CA VAL A 123 -1.52 3.83 -28.16
C VAL A 123 -2.74 3.66 -27.25
N GLY A 124 -3.32 2.46 -27.26
CA GLY A 124 -4.58 2.19 -26.59
C GLY A 124 -4.54 1.99 -25.09
N PHE A 125 -3.83 2.88 -24.39
CA PHE A 125 -3.78 2.94 -22.94
C PHE A 125 -4.97 3.69 -22.41
N MET A 126 -6.10 2.99 -22.31
CA MET A 126 -7.41 3.61 -22.04
C MET A 126 -7.59 4.25 -20.68
N ARG A 127 -6.80 3.81 -19.71
CA ARG A 127 -6.92 4.35 -18.37
C ARG A 127 -6.92 5.89 -18.32
N ARG A 128 -6.27 6.56 -19.27
CA ARG A 128 -6.25 8.02 -19.30
C ARG A 128 -7.61 8.64 -19.61
N TYR A 129 -8.60 7.83 -19.95
CA TYR A 129 -9.91 8.36 -20.32
C TYR A 129 -10.98 7.93 -19.31
N ASP A 130 -10.57 7.15 -18.33
CA ASP A 130 -11.46 6.76 -17.26
C ASP A 130 -11.64 7.96 -16.36
N SER A 131 -12.88 8.21 -15.90
CA SER A 131 -13.22 9.45 -15.19
C SER A 131 -12.52 9.56 -13.84
N GLY A 132 -12.38 8.42 -13.18
CA GLY A 132 -11.54 8.34 -12.01
C GLY A 132 -10.15 8.93 -12.22
N TYR A 133 -9.39 8.34 -13.14
CA TYR A 133 -8.02 8.79 -13.38
C TYR A 133 -7.93 10.23 -13.87
N VAL A 134 -8.99 10.71 -14.51
CA VAL A 134 -9.04 12.10 -14.92
C VAL A 134 -9.20 13.03 -13.74
N GLN A 135 -10.00 12.62 -12.77
CA GLN A 135 -10.17 13.41 -11.54
C GLN A 135 -8.86 13.47 -10.78
N LEU A 136 -8.18 12.33 -10.68
CA LEU A 136 -6.86 12.26 -10.06
C LEU A 136 -5.93 13.25 -10.75
N LYS A 137 -5.86 13.13 -12.07
CA LYS A 137 -5.02 14.00 -12.88
C LYS A 137 -5.31 15.46 -12.58
N GLU A 138 -6.61 15.82 -12.64
CA GLU A 138 -7.11 17.15 -12.30
C GLU A 138 -6.57 17.71 -10.98
N ALA A 139 -6.72 16.94 -9.90
CA ALA A 139 -6.26 17.34 -8.58
C ALA A 139 -4.78 17.60 -8.54
N LEU A 140 -4.01 16.67 -9.09
CA LEU A 140 -2.56 16.79 -9.10
C LEU A 140 -2.06 18.01 -9.85
N ASP A 141 -2.76 18.33 -10.94
CA ASP A 141 -2.50 19.51 -11.77
C ASP A 141 -2.85 20.79 -11.02
N ASN A 142 -3.72 20.66 -10.03
CA ASN A 142 -4.12 21.80 -9.23
C ASN A 142 -3.39 21.87 -7.89
N HIS A 143 -2.46 20.94 -7.70
CA HIS A 143 -1.56 20.96 -6.55
C HIS A 143 -2.30 20.74 -5.24
N VAL A 144 -3.49 20.16 -5.35
CA VAL A 144 -4.34 19.93 -4.19
C VAL A 144 -3.56 19.33 -3.03
N ILE A 145 -2.85 18.24 -3.28
CA ILE A 145 -2.11 17.58 -2.21
C ILE A 145 -0.64 17.96 -2.21
N GLY A 146 -0.28 18.99 -2.97
CA GLY A 146 1.11 19.37 -3.07
C GLY A 146 1.95 18.34 -3.81
N GLU A 147 3.22 18.23 -3.46
CA GLU A 147 4.13 17.32 -4.16
C GLU A 147 3.93 15.86 -3.81
N PRO A 148 3.64 15.03 -4.82
CA PRO A 148 3.49 13.58 -4.64
C PRO A 148 4.76 12.91 -4.10
N LEU A 149 4.59 11.99 -3.17
CA LEU A 149 5.73 11.34 -2.53
C LEU A 149 5.66 9.81 -2.64
N MET A 150 4.47 9.25 -2.52
CA MET A 150 4.32 7.81 -2.66
C MET A 150 3.04 7.43 -3.40
N ILE A 151 3.01 6.23 -3.95
CA ILE A 151 1.85 5.70 -4.62
C ILE A 151 1.69 4.24 -4.23
N HIS A 152 0.48 3.85 -3.85
CA HIS A 152 0.20 2.47 -3.51
C HIS A 152 -0.87 2.05 -4.47
N CYS A 153 -0.71 0.89 -5.11
CA CYS A 153 -1.74 0.45 -6.03
C CYS A 153 -1.76 -1.03 -6.26
N ALA A 154 -2.87 -1.50 -6.81
CA ALA A 154 -3.13 -2.92 -6.91
C ALA A 154 -3.87 -3.19 -8.20
N HIS A 155 -3.54 -4.30 -8.84
CA HIS A 155 -4.27 -4.76 -9.99
C HIS A 155 -4.61 -6.19 -9.65
N ARG A 156 -5.88 -6.48 -9.37
CA ARG A 156 -6.28 -7.82 -8.91
C ARG A 156 -7.32 -8.44 -9.82
N ASN A 157 -7.22 -9.75 -10.03
CA ASN A 157 -8.07 -10.46 -10.98
C ASN A 157 -8.51 -11.74 -10.30
N PRO A 158 -9.75 -12.20 -10.52
CA PRO A 158 -10.23 -13.39 -9.82
C PRO A 158 -9.36 -14.62 -10.02
N THR A 159 -9.28 -15.12 -11.25
CA THR A 159 -8.43 -16.26 -11.58
C THR A 159 -7.92 -16.09 -13.01
N VAL A 160 -6.90 -16.84 -13.40
CA VAL A 160 -6.42 -16.80 -14.79
C VAL A 160 -6.33 -18.20 -15.37
N GLY A 161 -6.08 -18.28 -16.67
CA GLY A 161 -6.02 -19.55 -17.37
C GLY A 161 -4.69 -20.29 -17.21
N ASP A 162 -4.56 -21.39 -17.95
CA ASP A 162 -3.32 -22.17 -17.93
C ASP A 162 -2.25 -21.47 -18.75
N ASN A 163 -2.71 -20.64 -19.68
CA ASN A 163 -1.83 -19.91 -20.58
C ASN A 163 -1.19 -18.66 -19.95
N TYR A 164 -1.45 -18.43 -18.66
CA TYR A 164 -0.99 -17.20 -18.00
C TYR A 164 0.28 -17.40 -17.20
N THR A 165 1.34 -16.74 -17.65
CA THR A 165 2.69 -16.99 -17.16
C THR A 165 3.29 -15.83 -16.35
N THR A 166 4.27 -16.17 -15.52
CA THR A 166 4.87 -15.24 -14.57
C THR A 166 5.36 -13.89 -15.14
N ASP A 167 5.58 -13.79 -16.43
CA ASP A 167 6.00 -12.51 -16.97
C ASP A 167 4.80 -11.69 -17.44
N MET A 168 3.71 -12.37 -17.77
CA MET A 168 2.53 -11.67 -18.27
C MET A 168 2.03 -10.68 -17.23
N ALA A 169 2.29 -10.99 -15.97
CA ALA A 169 2.00 -10.11 -14.86
C ALA A 169 2.59 -8.70 -15.03
N VAL A 170 3.78 -8.58 -15.61
CA VAL A 170 4.41 -7.27 -15.80
C VAL A 170 4.27 -6.76 -17.22
N VAL A 171 3.74 -7.60 -18.09
CA VAL A 171 3.70 -7.30 -19.51
C VAL A 171 2.28 -6.98 -19.98
N ASP A 172 1.39 -7.94 -19.80
CA ASP A 172 0.00 -7.72 -20.15
C ASP A 172 -0.72 -6.90 -19.08
N THR A 173 -0.30 -7.06 -17.83
CA THR A 173 -1.09 -6.59 -16.70
C THR A 173 -0.62 -5.30 -16.06
N LEU A 174 0.55 -5.33 -15.45
CA LEU A 174 1.02 -4.14 -14.75
C LEU A 174 1.35 -3.01 -15.73
N VAL A 175 1.27 -3.32 -17.01
CA VAL A 175 1.60 -2.36 -18.05
C VAL A 175 0.74 -1.08 -18.03
N HIS A 176 -0.56 -1.21 -17.78
CA HIS A 176 -1.45 -0.05 -17.71
C HIS A 176 -1.13 0.93 -16.57
N GLU A 177 -0.83 0.39 -15.39
CA GLU A 177 -0.32 1.17 -14.27
C GLU A 177 0.93 1.88 -14.68
N ILE A 178 1.83 1.12 -15.30
CA ILE A 178 3.09 1.67 -15.76
C ILE A 178 2.87 2.88 -16.67
N ASP A 179 1.83 2.83 -17.48
CA ASP A 179 1.54 3.98 -18.31
C ASP A 179 0.89 5.10 -17.53
N VAL A 180 -0.23 4.77 -16.92
CA VAL A 180 -1.03 5.77 -16.25
C VAL A 180 -0.29 6.45 -15.10
N LEU A 181 0.57 5.71 -14.40
CA LEU A 181 1.23 6.31 -13.25
C LEU A 181 2.19 7.45 -13.58
N HIS A 182 3.10 7.26 -14.54
CA HIS A 182 4.01 8.34 -14.87
C HIS A 182 3.29 9.47 -15.61
N TRP A 183 2.21 9.13 -16.30
CA TRP A 183 1.39 10.17 -16.91
C TRP A 183 0.94 11.17 -15.85
N LEU A 184 0.51 10.61 -14.73
CA LEU A 184 -0.12 11.37 -13.65
C LEU A 184 0.84 12.28 -12.91
N VAL A 185 1.94 11.69 -12.46
CA VAL A 185 2.93 12.37 -11.64
C VAL A 185 3.87 13.25 -12.45
N ASN A 186 3.93 13.00 -13.76
CA ASN A 186 4.82 13.71 -14.65
C ASN A 186 6.28 13.50 -14.24
N ASP A 187 6.71 12.23 -14.27
CA ASP A 187 8.08 11.84 -13.96
C ASP A 187 8.44 10.57 -14.74
N ASP A 188 9.75 10.33 -14.88
CA ASP A 188 10.24 9.13 -15.55
C ASP A 188 10.68 8.12 -14.52
N TYR A 189 10.48 6.85 -14.83
CA TYR A 189 10.89 5.81 -13.93
C TYR A 189 12.43 5.71 -13.87
N GLU A 190 12.95 5.36 -12.69
CA GLU A 190 14.40 5.25 -12.46
C GLU A 190 14.89 3.90 -11.95
N SER A 191 14.02 3.10 -11.33
CA SER A 191 14.36 1.70 -11.00
C SER A 191 13.16 0.82 -10.62
N VAL A 192 13.16 -0.43 -11.09
CA VAL A 192 12.19 -1.41 -10.63
C VAL A 192 12.84 -2.38 -9.67
N GLN A 193 12.02 -3.17 -8.99
CA GLN A 193 12.47 -4.22 -8.10
C GLN A 193 11.29 -5.10 -7.77
N VAL A 194 11.28 -6.33 -8.26
CA VAL A 194 10.25 -7.28 -7.87
C VAL A 194 10.52 -7.94 -6.50
N ILE A 195 9.44 -8.29 -5.79
CA ILE A 195 9.49 -9.05 -4.54
C ILE A 195 8.34 -10.05 -4.49
N TYR A 196 8.63 -11.33 -4.34
CA TYR A 196 7.57 -12.37 -4.34
C TYR A 196 7.11 -12.76 -2.93
N PRO A 197 5.81 -12.59 -2.66
CA PRO A 197 5.32 -13.08 -1.37
C PRO A 197 5.00 -14.56 -1.47
N LYS A 198 4.59 -15.16 -0.35
CA LYS A 198 4.07 -16.52 -0.34
C LYS A 198 3.25 -16.79 -1.62
N LYS A 199 3.41 -17.95 -2.24
CA LYS A 199 2.63 -18.25 -3.43
C LYS A 199 1.19 -18.56 -3.04
N SER A 200 0.24 -18.14 -3.86
CA SER A 200 -1.18 -18.37 -3.57
C SER A 200 -1.66 -19.77 -3.95
N LYS A 201 -2.68 -20.24 -3.25
CA LYS A 201 -3.22 -21.57 -3.51
C LYS A 201 -4.07 -21.58 -4.77
N ASN A 202 -4.45 -20.38 -5.22
CA ASN A 202 -5.30 -20.22 -6.39
C ASN A 202 -4.46 -20.09 -7.65
N ALA A 203 -3.19 -19.77 -7.45
CA ALA A 203 -2.24 -19.71 -8.55
C ALA A 203 -1.81 -21.11 -8.94
N LEU A 204 -1.72 -21.37 -10.23
CA LEU A 204 -1.17 -22.62 -10.73
C LEU A 204 0.31 -22.74 -10.36
N PRO A 205 0.89 -23.96 -10.48
CA PRO A 205 2.26 -24.17 -10.01
C PRO A 205 3.30 -23.42 -10.87
N HIS A 206 3.04 -23.30 -12.17
CA HIS A 206 3.99 -22.68 -13.09
C HIS A 206 4.02 -21.15 -13.03
N LEU A 207 3.15 -20.58 -12.20
CA LEU A 207 3.01 -19.12 -12.10
C LEU A 207 3.35 -18.59 -10.71
N LYS A 208 4.13 -17.50 -10.66
CA LYS A 208 4.43 -16.80 -9.41
C LYS A 208 3.40 -15.68 -9.13
N ASP A 209 2.55 -15.90 -8.12
CA ASP A 209 1.39 -15.05 -7.86
C ASP A 209 1.01 -15.08 -6.39
N PRO A 210 1.00 -13.92 -5.71
CA PRO A 210 1.14 -12.55 -6.19
C PRO A 210 2.55 -12.14 -6.50
N GLN A 211 2.76 -10.84 -6.54
CA GLN A 211 4.09 -10.24 -6.52
C GLN A 211 3.97 -8.75 -6.27
N ILE A 212 4.85 -8.21 -5.44
CA ILE A 212 4.89 -6.76 -5.28
C ILE A 212 5.82 -6.27 -6.36
N VAL A 213 5.83 -4.96 -6.62
CA VAL A 213 6.79 -4.41 -7.56
C VAL A 213 7.06 -2.99 -7.10
N VAL A 214 8.31 -2.69 -6.84
CA VAL A 214 8.61 -1.37 -6.32
C VAL A 214 9.30 -0.53 -7.37
N ILE A 215 8.84 0.70 -7.55
CA ILE A 215 9.38 1.54 -8.60
C ILE A 215 9.70 2.92 -8.06
N GLU A 216 10.96 3.31 -8.11
CA GLU A 216 11.33 4.70 -7.83
C GLU A 216 11.25 5.47 -9.12
N THR A 217 11.11 6.78 -9.01
CA THR A 217 11.16 7.63 -10.18
C THR A 217 12.39 8.50 -9.96
N LYS A 218 12.66 9.40 -10.90
CA LYS A 218 13.80 10.32 -10.77
C LYS A 218 13.58 11.29 -9.62
N GLY A 219 12.38 11.84 -9.54
CA GLY A 219 12.05 12.80 -8.51
C GLY A 219 12.14 12.30 -7.08
N GLY A 220 11.90 11.01 -6.88
CA GLY A 220 11.95 10.43 -5.55
C GLY A 220 10.64 9.77 -5.17
N ILE A 221 9.68 9.84 -6.06
CA ILE A 221 8.42 9.17 -5.80
C ILE A 221 8.64 7.66 -5.71
N VAL A 222 8.08 7.04 -4.68
CA VAL A 222 8.19 5.60 -4.53
C VAL A 222 6.82 4.95 -4.68
N ILE A 223 6.77 3.83 -5.37
CA ILE A 223 5.50 3.26 -5.77
C ILE A 223 5.58 1.82 -5.45
N ASN A 224 4.78 1.34 -4.51
CA ASN A 224 4.62 -0.09 -4.51
C ASN A 224 3.31 -0.48 -5.16
N ALA A 225 3.36 -1.60 -5.85
CA ALA A 225 2.32 -1.96 -6.77
C ALA A 225 2.11 -3.45 -6.67
N GLU A 226 0.93 -3.84 -6.24
CA GLU A 226 0.65 -5.25 -6.03
C GLU A 226 -0.04 -5.77 -7.26
N ILE A 227 0.36 -6.95 -7.70
CA ILE A 227 -0.35 -7.63 -8.79
C ILE A 227 -0.72 -8.99 -8.26
N TYR A 228 -2.01 -9.25 -8.21
CA TYR A 228 -2.48 -10.54 -7.74
C TYR A 228 -3.63 -10.98 -8.62
N VAL A 229 -3.36 -11.89 -9.54
CA VAL A 229 -4.37 -12.26 -10.53
C VAL A 229 -5.14 -13.56 -10.23
N ASN A 230 -4.94 -14.14 -9.05
CA ASN A 230 -5.77 -15.25 -8.56
C ASN A 230 -6.37 -14.93 -7.18
N CYS A 231 -6.79 -13.67 -7.03
CA CYS A 231 -7.31 -13.14 -5.77
C CYS A 231 -8.71 -13.66 -5.42
N LYS A 232 -9.37 -14.23 -6.44
CA LYS A 232 -10.60 -15.01 -6.28
C LYS A 232 -11.88 -14.21 -6.02
N TYR A 233 -11.76 -13.04 -5.41
CA TYR A 233 -12.94 -12.27 -4.99
C TYR A 233 -13.51 -11.34 -6.06
N GLY A 234 -12.65 -10.75 -6.90
CA GLY A 234 -13.10 -9.92 -8.01
C GLY A 234 -12.02 -9.36 -8.91
N TYR A 235 -12.40 -8.46 -9.80
CA TYR A 235 -11.42 -7.69 -10.56
C TYR A 235 -11.43 -6.32 -9.90
N ASP A 236 -10.27 -5.80 -9.53
CA ASP A 236 -10.25 -4.64 -8.65
C ASP A 236 -8.97 -3.82 -8.86
N ILE A 237 -9.15 -2.52 -9.12
CA ILE A 237 -8.04 -1.63 -9.42
C ILE A 237 -8.00 -0.58 -8.32
N GLN A 238 -6.84 -0.38 -7.72
CA GLN A 238 -6.76 0.54 -6.60
C GLN A 238 -5.54 1.37 -6.81
N CYS A 239 -5.65 2.66 -6.54
CA CYS A 239 -4.52 3.53 -6.68
C CYS A 239 -4.69 4.67 -5.69
N GLU A 240 -3.73 4.79 -4.76
CA GLU A 240 -3.71 5.87 -3.79
C GLU A 240 -2.38 6.63 -3.92
N ILE A 241 -2.48 7.93 -4.09
CA ILE A 241 -1.32 8.79 -4.19
C ILE A 241 -1.14 9.66 -2.95
N VAL A 242 -0.07 9.42 -2.20
CA VAL A 242 0.21 10.25 -1.04
C VAL A 242 1.09 11.44 -1.42
N GLY A 243 0.70 12.63 -1.00
CA GLY A 243 1.51 13.79 -1.27
C GLY A 243 1.93 14.49 0.01
N GLU A 244 2.56 15.65 -0.14
CA GLU A 244 3.16 16.36 0.98
C GLU A 244 2.10 16.77 1.99
N ASP A 245 0.95 17.21 1.51
CA ASP A 245 -0.08 17.78 2.37
C ASP A 245 -1.43 17.06 2.33
N GLY A 246 -1.50 15.93 1.64
CA GLY A 246 -2.77 15.23 1.52
C GLY A 246 -2.70 13.95 0.74
N ILE A 247 -3.83 13.25 0.66
CA ILE A 247 -3.92 11.99 -0.06
C ILE A 247 -5.13 11.92 -0.98
N ILE A 248 -4.91 11.60 -2.25
CA ILE A 248 -6.01 11.35 -3.18
C ILE A 248 -6.04 9.89 -3.64
N LYS A 249 -7.25 9.34 -3.81
CA LYS A 249 -7.40 7.91 -4.05
C LYS A 249 -8.49 7.64 -5.09
N LEU A 250 -8.27 6.62 -5.92
CA LEU A 250 -9.18 6.27 -7.00
C LEU A 250 -10.45 5.68 -6.42
N PRO A 251 -11.61 5.94 -7.07
CA PRO A 251 -12.94 5.46 -6.65
C PRO A 251 -13.23 3.99 -6.96
N GLU A 252 -14.32 3.50 -6.40
CA GLU A 252 -14.84 2.20 -6.76
C GLU A 252 -15.84 2.39 -7.88
N PRO A 253 -15.93 1.41 -8.79
CA PRO A 253 -17.07 1.35 -9.71
C PRO A 253 -18.37 1.62 -8.97
N SER A 254 -19.25 2.50 -9.47
CA SER A 254 -20.57 2.79 -8.84
C SER A 254 -21.38 1.55 -8.50
N SER A 255 -21.85 1.43 -7.26
CA SER A 255 -22.75 0.32 -6.91
C SER A 255 -23.92 0.66 -5.97
N ILE A 256 -25.04 -0.05 -6.13
CA ILE A 256 -26.07 0.04 -5.11
C ILE A 256 -25.65 -0.73 -3.86
N SER A 257 -25.82 -0.08 -2.70
CA SER A 257 -25.51 -0.72 -1.41
C SER A 257 -26.67 -1.59 -1.01
N LEU A 258 -26.37 -2.70 -0.36
CA LEU A 258 -27.41 -3.56 0.20
C LEU A 258 -27.22 -3.82 1.73
N ARG A 259 -28.34 -3.88 2.46
CA ARG A 259 -28.36 -4.29 3.89
C ARG A 259 -29.12 -5.58 4.05
N LYS A 260 -28.43 -6.68 4.31
CA LYS A 260 -29.10 -7.97 4.36
C LYS A 260 -28.22 -8.98 5.09
N GLU A 261 -28.86 -9.81 5.92
CA GLU A 261 -28.16 -10.85 6.68
C GLU A 261 -26.82 -10.37 7.29
N GLY A 262 -26.92 -9.44 8.23
CA GLY A 262 -25.74 -9.04 8.98
C GLY A 262 -24.78 -8.09 8.32
N ARG A 263 -24.83 -7.99 7.00
CA ARG A 263 -23.78 -7.27 6.27
C ARG A 263 -24.27 -6.04 5.52
N PHE A 264 -23.38 -5.05 5.33
CA PHE A 264 -23.67 -3.83 4.57
C PHE A 264 -22.81 -3.71 3.31
N SER A 265 -23.18 -4.45 2.27
CA SER A 265 -22.36 -4.64 1.07
C SER A 265 -22.50 -3.62 -0.07
N THR A 266 -21.42 -3.45 -0.83
CA THR A 266 -21.54 -2.96 -2.21
C THR A 266 -21.07 -4.07 -3.14
N ASP A 267 -20.96 -3.77 -4.42
CA ASP A 267 -20.64 -4.81 -5.39
C ASP A 267 -19.27 -4.62 -6.01
N ILE A 268 -18.60 -5.76 -6.27
CA ILE A 268 -17.29 -5.82 -6.91
C ILE A 268 -17.40 -6.59 -8.23
N LEU A 269 -16.77 -6.06 -9.28
CA LEU A 269 -16.87 -6.65 -10.61
C LEU A 269 -16.07 -7.92 -10.71
N MET A 270 -16.44 -8.78 -11.65
CA MET A 270 -15.67 -10.01 -11.88
C MET A 270 -14.94 -10.00 -13.23
N ASP A 271 -15.43 -9.21 -14.18
CA ASP A 271 -14.92 -9.25 -15.54
C ASP A 271 -14.10 -8.05 -15.93
N TRP A 272 -12.79 -8.27 -16.01
CA TRP A 272 -11.87 -7.21 -16.39
C TRP A 272 -12.39 -6.33 -17.54
N GLN A 273 -13.18 -6.92 -18.43
CA GLN A 273 -13.67 -6.18 -19.60
C GLN A 273 -14.58 -5.04 -19.18
N ARG A 274 -15.50 -5.36 -18.25
CA ARG A 274 -16.52 -4.44 -17.74
C ARG A 274 -15.99 -3.22 -16.98
N ARG A 275 -14.80 -3.33 -16.39
CA ARG A 275 -14.23 -2.23 -15.60
C ARG A 275 -13.95 -0.95 -16.38
N PHE A 276 -13.57 -1.07 -17.64
CA PHE A 276 -13.18 0.12 -18.38
C PHE A 276 -13.99 0.43 -19.65
N VAL A 277 -15.05 -0.32 -19.84
CA VAL A 277 -15.95 -0.14 -20.95
C VAL A 277 -16.16 1.30 -21.41
N ALA A 278 -16.24 2.23 -20.47
CA ALA A 278 -16.51 3.62 -20.85
C ALA A 278 -15.27 4.41 -21.20
N ALA A 279 -14.10 3.92 -20.83
CA ALA A 279 -12.87 4.59 -21.22
C ALA A 279 -12.50 4.18 -22.65
N TYR A 280 -12.82 2.95 -23.03
CA TYR A 280 -12.65 2.51 -24.39
C TYR A 280 -13.46 3.43 -25.29
N ASP A 281 -14.75 3.52 -25.04
CA ASP A 281 -15.62 4.41 -25.79
C ASP A 281 -15.07 5.83 -25.96
N VAL A 282 -14.69 6.46 -24.86
CA VAL A 282 -14.21 7.83 -24.89
C VAL A 282 -12.92 7.94 -25.69
N GLU A 283 -12.16 6.86 -25.68
CA GLU A 283 -10.83 6.80 -26.22
C GLU A 283 -10.83 6.74 -27.73
N ILE A 284 -11.64 5.83 -28.27
CA ILE A 284 -11.85 5.70 -29.71
C ILE A 284 -12.41 7.01 -30.22
N GLN A 285 -13.59 7.37 -29.73
CA GLN A 285 -14.21 8.64 -30.04
C GLN A 285 -13.24 9.83 -30.10
N ASP A 286 -12.22 9.82 -29.25
CA ASP A 286 -11.25 10.90 -29.24
C ASP A 286 -10.19 10.74 -30.32
N PHE A 287 -9.93 9.49 -30.69
CA PHE A 287 -9.13 9.21 -31.88
C PHE A 287 -9.83 9.88 -33.08
N ILE A 288 -11.04 9.40 -33.39
CA ILE A 288 -11.88 9.99 -34.41
C ILE A 288 -11.89 11.51 -34.36
N ASP A 289 -12.56 12.08 -33.36
CA ASP A 289 -12.73 13.53 -33.24
C ASP A 289 -11.43 14.29 -33.32
N SER A 290 -10.37 13.74 -32.77
CA SER A 290 -9.10 14.43 -32.78
C SER A 290 -8.52 14.49 -34.19
N ILE A 291 -8.91 13.55 -35.04
CA ILE A 291 -8.44 13.50 -36.42
C ILE A 291 -9.24 14.47 -37.29
N GLN A 292 -10.56 14.26 -37.35
CA GLN A 292 -11.46 15.10 -38.15
C GLN A 292 -11.42 16.60 -37.85
N LYS A 293 -10.78 16.99 -36.76
CA LYS A 293 -10.79 18.39 -36.34
C LYS A 293 -9.43 18.84 -35.85
N LYS A 294 -8.36 18.36 -36.49
CA LYS A 294 -6.99 18.69 -36.05
C LYS A 294 -5.94 18.10 -36.98
N GLY A 295 -6.32 17.07 -37.73
CA GLY A 295 -5.40 16.43 -38.66
C GLY A 295 -4.22 15.74 -37.99
N GLU A 296 -4.40 15.35 -36.74
CA GLU A 296 -3.44 14.47 -36.05
C GLU A 296 -4.12 13.73 -34.90
N VAL A 297 -3.44 12.75 -34.31
CA VAL A 297 -4.01 12.03 -33.17
C VAL A 297 -3.66 12.73 -31.87
N SER A 298 -4.39 12.40 -30.81
CA SER A 298 -4.27 13.15 -29.58
C SER A 298 -3.67 12.35 -28.43
N GLY A 299 -4.20 11.16 -28.19
CA GLY A 299 -3.95 10.46 -26.93
C GLY A 299 -2.50 10.16 -26.58
N PRO A 300 -2.28 8.99 -25.97
CA PRO A 300 -0.92 8.56 -25.62
C PRO A 300 -0.03 8.37 -26.87
N THR A 301 1.15 8.97 -26.83
CA THR A 301 2.09 8.95 -27.94
C THR A 301 2.80 7.62 -28.13
N ALA A 302 3.46 7.48 -29.27
CA ALA A 302 4.23 6.29 -29.60
C ALA A 302 5.44 6.26 -28.68
N TRP A 303 5.73 7.42 -28.11
CA TRP A 303 6.84 7.53 -27.20
C TRP A 303 6.47 6.87 -25.89
N ASP A 304 5.23 7.14 -25.49
CA ASP A 304 4.71 6.66 -24.23
C ASP A 304 4.69 5.15 -24.27
N GLY A 305 4.46 4.60 -25.46
CA GLY A 305 4.53 3.16 -25.68
C GLY A 305 5.94 2.63 -25.49
N TYR A 306 6.93 3.46 -25.85
CA TYR A 306 8.31 3.09 -25.67
C TYR A 306 8.65 3.02 -24.18
N ILE A 307 8.24 4.03 -23.42
CA ILE A 307 8.49 4.02 -21.99
C ILE A 307 7.89 2.78 -21.33
N ALA A 308 6.69 2.40 -21.75
CA ALA A 308 6.12 1.14 -21.29
C ALA A 308 7.05 -0.02 -21.60
N ALA A 309 7.52 -0.11 -22.84
CA ALA A 309 8.41 -1.20 -23.23
C ALA A 309 9.72 -1.26 -22.41
N VAL A 310 10.36 -0.12 -22.20
CA VAL A 310 11.63 -0.11 -21.48
C VAL A 310 11.41 -0.63 -20.09
N THR A 311 10.37 -0.09 -19.46
CA THR A 311 10.04 -0.32 -18.07
C THR A 311 9.46 -1.71 -17.87
N THR A 312 8.66 -2.18 -18.83
CA THR A 312 8.24 -3.57 -18.83
C THR A 312 9.43 -4.52 -18.86
N ASP A 313 10.46 -4.15 -19.62
CA ASP A 313 11.66 -4.95 -19.72
C ASP A 313 12.43 -4.94 -18.41
N ALA A 314 12.66 -3.74 -17.89
CA ALA A 314 13.29 -3.56 -16.60
C ALA A 314 12.68 -4.53 -15.57
N CYS A 315 11.37 -4.69 -15.63
CA CYS A 315 10.64 -5.52 -14.67
C CYS A 315 10.94 -7.00 -14.84
N VAL A 316 10.70 -7.52 -16.04
CA VAL A 316 10.92 -8.94 -16.29
C VAL A 316 12.38 -9.32 -16.05
N LYS A 317 13.25 -8.31 -16.12
CA LYS A 317 14.66 -8.47 -15.81
C LYS A 317 14.86 -8.65 -14.30
N ALA A 318 14.06 -7.92 -13.50
CA ALA A 318 14.15 -7.99 -12.05
C ALA A 318 13.32 -9.15 -11.52
N GLN A 319 12.57 -9.76 -12.42
CA GLN A 319 11.64 -10.84 -12.09
C GLN A 319 12.39 -12.14 -11.85
N GLU A 320 13.45 -12.32 -12.64
CA GLU A 320 14.22 -13.56 -12.60
C GLU A 320 15.57 -13.35 -11.92
N SER A 321 15.93 -12.10 -11.67
CA SER A 321 17.19 -11.77 -11.01
C SER A 321 17.05 -11.55 -9.49
N GLY A 322 15.89 -11.10 -9.03
CA GLY A 322 15.71 -10.79 -7.63
C GLY A 322 16.47 -9.54 -7.22
N GLN A 323 17.10 -8.90 -8.20
CA GLN A 323 17.92 -7.72 -7.98
C GLN A 323 17.17 -6.42 -8.29
N LYS A 324 17.79 -5.29 -7.96
CA LYS A 324 17.26 -3.98 -8.28
C LYS A 324 17.73 -3.48 -9.66
N GLU A 325 17.01 -3.91 -10.70
CA GLU A 325 17.25 -3.46 -12.08
C GLU A 325 17.10 -1.95 -12.30
N LYS A 326 17.60 -1.45 -13.43
CA LYS A 326 17.51 -0.02 -13.73
C LYS A 326 16.62 0.24 -14.97
N VAL A 327 16.18 1.49 -15.13
CA VAL A 327 15.40 1.88 -16.30
C VAL A 327 16.13 3.02 -16.98
N GLU A 328 16.79 2.71 -18.10
CA GLU A 328 17.51 3.70 -18.89
C GLU A 328 16.66 4.12 -20.05
N LEU A 329 16.41 5.41 -20.16
CA LEU A 329 15.56 5.92 -21.21
C LEU A 329 16.33 6.87 -22.12
N LYS A 330 16.30 6.60 -23.42
CA LYS A 330 16.92 7.52 -24.38
C LYS A 330 16.26 8.89 -24.27
N GLU A 331 16.99 9.92 -24.65
CA GLU A 331 16.51 11.30 -24.54
C GLU A 331 15.20 11.50 -25.27
N LYS A 332 14.26 12.17 -24.62
CA LYS A 332 12.98 12.47 -25.23
C LYS A 332 13.14 13.43 -26.42
N PRO A 333 12.80 12.96 -27.64
CA PRO A 333 12.87 13.71 -28.90
C PRO A 333 12.05 14.99 -28.90
N GLU A 334 12.57 16.04 -29.52
CA GLU A 334 11.87 17.31 -29.53
C GLU A 334 10.52 17.19 -30.22
N PHE A 335 10.43 16.24 -31.14
CA PHE A 335 9.17 15.97 -31.83
C PHE A 335 8.00 15.75 -30.86
N TYR A 336 8.31 15.66 -29.57
CA TYR A 336 7.30 15.26 -28.60
C TYR A 336 7.01 16.23 -27.43
N GLN A 337 7.52 17.46 -27.49
CA GLN A 337 7.11 18.50 -26.53
C GLN A 337 7.78 19.84 -26.77
N MET B 1 -11.41 -5.83 47.79
CA MET B 1 -10.00 -5.67 48.16
C MET B 1 -9.14 -5.24 46.94
N SER B 2 -8.88 -3.94 46.83
CA SER B 2 -8.29 -3.38 45.61
C SER B 2 -6.78 -3.61 45.44
N LEU B 3 -6.24 -3.26 44.26
CA LEU B 3 -4.83 -3.47 43.92
C LEU B 3 -4.03 -2.20 44.11
N ARG B 4 -2.96 -2.31 44.88
CA ARG B 4 -2.16 -1.15 45.25
C ARG B 4 -0.97 -0.94 44.30
N ILE B 5 -1.00 0.21 43.62
CA ILE B 5 -0.13 0.45 42.47
C ILE B 5 0.83 1.62 42.65
N GLY B 6 2.08 1.38 42.27
CA GLY B 6 3.11 2.39 42.31
C GLY B 6 3.52 2.79 40.92
N VAL B 7 3.43 4.09 40.66
CA VAL B 7 3.85 4.64 39.38
C VAL B 7 5.24 5.21 39.46
N ILE B 8 6.15 4.62 38.70
CA ILE B 8 7.49 5.16 38.51
C ILE B 8 7.52 5.98 37.22
N GLY B 9 7.55 7.31 37.36
CA GLY B 9 7.59 8.17 36.21
C GLY B 9 6.30 8.93 35.95
N THR B 10 6.15 10.06 36.64
CA THR B 10 4.92 10.84 36.57
C THR B 10 4.96 11.85 35.44
N GLY B 11 5.25 11.35 34.23
CA GLY B 11 5.32 12.17 33.04
C GLY B 11 3.96 12.53 32.48
N ALA B 12 3.87 12.70 31.17
CA ALA B 12 2.56 13.01 30.58
C ALA B 12 1.69 11.75 30.36
N ILE B 13 2.30 10.62 29.97
CA ILE B 13 1.53 9.40 29.79
C ILE B 13 1.50 8.62 31.09
N GLY B 14 2.41 8.97 31.99
CA GLY B 14 2.37 8.45 33.34
C GLY B 14 1.16 9.06 34.03
N LYS B 15 0.90 10.33 33.71
CA LYS B 15 -0.26 11.04 34.25
C LYS B 15 -1.59 10.56 33.66
N GLU B 16 -1.57 10.03 32.45
CA GLU B 16 -2.80 9.57 31.85
C GLU B 16 -3.23 8.25 32.44
N HIS B 17 -2.25 7.41 32.74
CA HIS B 17 -2.53 6.14 33.40
C HIS B 17 -2.98 6.34 34.83
N ILE B 18 -2.48 7.39 35.49
CA ILE B 18 -2.86 7.64 36.86
C ILE B 18 -4.30 8.13 36.91
N ASN B 19 -4.63 9.01 35.97
CA ASN B 19 -5.99 9.54 35.90
C ASN B 19 -6.99 8.46 35.51
N ARG B 20 -6.60 7.55 34.62
CA ARG B 20 -7.55 6.52 34.23
C ARG B 20 -7.80 5.56 35.41
N ILE B 21 -6.73 5.05 36.01
CA ILE B 21 -6.84 4.18 37.19
C ILE B 21 -7.62 4.83 38.38
N THR B 22 -7.38 6.11 38.62
CA THR B 22 -8.11 6.83 39.65
C THR B 22 -9.61 7.04 39.34
N ASN B 23 -9.93 7.54 38.15
CA ASN B 23 -11.26 8.09 37.87
C ASN B 23 -12.07 7.35 36.80
N LYS B 24 -11.55 6.24 36.31
CA LYS B 24 -12.17 5.58 35.16
C LYS B 24 -12.29 4.06 35.27
N LEU B 25 -11.28 3.39 35.81
CA LEU B 25 -11.31 1.93 35.88
C LEU B 25 -11.78 1.45 37.26
N SER B 26 -11.72 0.14 37.48
CA SER B 26 -12.22 -0.45 38.73
C SER B 26 -11.20 -1.31 39.39
N GLY B 27 -11.13 -1.20 40.71
CA GLY B 27 -10.41 -2.13 41.56
C GLY B 27 -8.89 -1.93 41.65
N ALA B 28 -8.46 -0.68 41.75
CA ALA B 28 -7.06 -0.33 41.91
C ALA B 28 -6.89 1.11 42.34
N GLU B 29 -5.78 1.40 43.01
CA GLU B 29 -5.46 2.77 43.38
C GLU B 29 -3.95 3.04 43.36
N ILE B 30 -3.59 4.33 43.26
CA ILE B 30 -2.19 4.75 43.28
C ILE B 30 -1.85 5.20 44.69
N VAL B 31 -0.80 4.58 45.25
CA VAL B 31 -0.38 4.73 46.64
C VAL B 31 1.06 5.18 46.72
N ALA B 32 1.72 5.24 45.57
CA ALA B 32 3.15 5.45 45.54
C ALA B 32 3.61 5.93 44.17
N VAL B 33 4.24 7.09 44.16
CA VAL B 33 4.78 7.65 42.92
C VAL B 33 6.19 8.17 43.18
N THR B 34 7.09 7.90 42.25
CA THR B 34 8.40 8.53 42.27
C THR B 34 8.68 9.12 40.92
N ASP B 35 9.33 10.28 40.93
CA ASP B 35 9.84 10.87 39.71
C ASP B 35 11.24 11.37 39.97
N VAL B 36 11.97 11.64 38.89
CA VAL B 36 13.33 12.13 38.98
C VAL B 36 13.35 13.67 39.19
N ASN B 37 12.25 14.31 38.81
CA ASN B 37 11.94 15.68 39.23
C ASN B 37 10.97 15.58 40.40
N GLN B 38 11.50 15.35 41.60
CA GLN B 38 10.69 15.06 42.79
C GLN B 38 9.55 16.06 43.03
N GLU B 39 9.71 17.27 42.55
CA GLU B 39 8.68 18.28 42.72
C GLU B 39 7.47 18.03 41.80
N ALA B 40 7.70 17.46 40.61
CA ALA B 40 6.62 17.13 39.66
C ALA B 40 5.74 15.97 40.14
N ALA B 41 6.40 14.91 40.59
CA ALA B 41 5.75 13.79 41.27
C ALA B 41 5.28 14.21 42.67
N GLN B 42 5.11 15.51 42.87
CA GLN B 42 4.54 16.01 44.10
C GLN B 42 3.48 16.99 43.67
N LYS B 43 3.55 17.42 42.41
CA LYS B 43 2.51 18.23 41.81
C LYS B 43 1.39 17.30 41.41
N VAL B 44 1.77 16.12 40.93
CA VAL B 44 0.80 15.12 40.54
C VAL B 44 -0.03 14.57 41.73
N VAL B 45 0.61 14.31 42.86
CA VAL B 45 -0.12 13.81 44.02
C VAL B 45 -1.18 14.79 44.55
N GLU B 46 -0.91 16.09 44.44
CA GLU B 46 -1.89 17.10 44.86
C GLU B 46 -3.00 17.26 43.81
N GLN B 47 -2.60 17.21 42.54
CA GLN B 47 -3.49 17.48 41.42
C GLN B 47 -4.64 16.47 41.31
N TYR B 48 -4.33 15.20 41.55
CA TYR B 48 -5.34 14.14 41.48
C TYR B 48 -5.75 13.64 42.87
N GLN B 49 -5.70 14.51 43.87
CA GLN B 49 -5.98 14.15 45.27
C GLN B 49 -5.68 12.69 45.57
N LEU B 50 -4.40 12.30 45.52
CA LEU B 50 -4.02 10.92 45.80
C LEU B 50 -3.75 10.74 47.28
N ASN B 51 -3.83 9.50 47.75
CA ASN B 51 -3.28 9.11 49.05
C ASN B 51 -2.01 8.33 48.76
N ALA B 52 -0.95 9.03 48.39
CA ALA B 52 0.28 8.36 48.01
C ALA B 52 1.58 8.91 48.65
N THR B 53 2.52 8.01 48.86
CA THR B 53 3.88 8.32 49.33
C THR B 53 4.79 8.71 48.16
N VAL B 54 5.48 9.85 48.28
CA VAL B 54 6.41 10.30 47.25
C VAL B 54 7.86 9.86 47.53
N TYR B 55 8.31 8.84 46.81
CA TYR B 55 9.68 8.34 46.93
C TYR B 55 10.69 9.10 46.07
N PRO B 56 11.94 9.17 46.55
CA PRO B 56 13.03 9.83 45.84
C PRO B 56 13.52 9.00 44.66
N ASN B 57 13.26 7.69 44.72
CA ASN B 57 13.74 6.74 43.71
C ASN B 57 12.96 5.41 43.65
N ASP B 58 13.08 4.71 42.52
CA ASP B 58 12.42 3.42 42.35
C ASP B 58 12.65 2.44 43.52
N ASP B 59 13.90 2.33 43.97
CA ASP B 59 14.30 1.38 45.02
C ASP B 59 13.51 1.52 46.32
N SER B 60 13.36 2.77 46.76
CA SER B 60 12.63 3.06 47.98
C SER B 60 11.13 2.86 47.79
N LEU B 61 10.68 2.91 46.54
CA LEU B 61 9.28 2.65 46.18
C LEU B 61 9.01 1.14 46.15
N LEU B 62 9.86 0.41 45.42
CA LEU B 62 9.78 -1.05 45.40
C LEU B 62 10.02 -1.63 46.81
N ALA B 63 10.79 -0.90 47.61
CA ALA B 63 10.95 -1.21 49.02
C ALA B 63 9.59 -1.34 49.71
N ASP B 64 8.78 -0.29 49.61
CA ASP B 64 7.44 -0.26 50.20
C ASP B 64 6.68 -1.55 49.90
N GLU B 65 6.04 -2.11 50.94
CA GLU B 65 5.32 -3.37 50.81
C GLU B 65 3.81 -3.15 50.71
N ASN B 66 3.41 -1.89 50.80
CA ASN B 66 2.09 -1.47 50.39
C ASN B 66 1.86 -1.86 48.93
N VAL B 67 2.80 -1.47 48.06
CA VAL B 67 2.66 -1.65 46.60
C VAL B 67 2.96 -3.06 46.09
N ASP B 68 2.01 -3.62 45.34
CA ASP B 68 2.18 -4.93 44.71
C ASP B 68 2.24 -4.84 43.18
N ALA B 69 2.16 -3.62 42.65
CA ALA B 69 2.29 -3.41 41.20
C ALA B 69 2.80 -2.03 40.80
N VAL B 70 3.70 -2.01 39.83
CA VAL B 70 4.20 -0.75 39.35
C VAL B 70 3.91 -0.47 37.87
N LEU B 71 3.47 0.75 37.63
CA LEU B 71 3.50 1.32 36.31
C LEU B 71 4.91 1.84 36.05
N VAL B 72 5.60 1.24 35.09
CA VAL B 72 6.85 1.85 34.67
C VAL B 72 6.55 2.75 33.47
N THR B 73 6.59 4.07 33.69
CA THR B 73 6.19 5.04 32.69
C THR B 73 7.03 6.32 32.76
N SER B 74 8.34 6.15 32.87
CA SER B 74 9.29 7.25 32.76
C SER B 74 10.06 7.11 31.43
N TRP B 75 11.13 7.88 31.27
CA TRP B 75 11.96 7.86 30.05
C TRP B 75 12.04 6.53 29.28
N GLY B 76 12.50 6.59 28.03
CA GLY B 76 12.70 5.39 27.22
C GLY B 76 13.79 4.41 27.64
N PRO B 77 14.90 4.91 28.25
CA PRO B 77 15.99 4.02 28.65
C PRO B 77 15.92 3.61 30.13
N ALA B 78 15.38 4.52 30.94
CA ALA B 78 15.25 4.31 32.39
C ALA B 78 14.14 3.31 32.70
N HIS B 79 13.88 2.41 31.75
CA HIS B 79 12.88 1.39 31.92
C HIS B 79 13.54 0.10 32.34
N GLU B 80 14.41 -0.41 31.49
CA GLU B 80 15.14 -1.65 31.78
C GLU B 80 15.60 -1.70 33.22
N SER B 81 16.15 -0.60 33.73
CA SER B 81 16.54 -0.49 35.12
C SER B 81 15.38 -0.87 36.06
N SER B 82 14.29 -0.10 35.99
CA SER B 82 13.19 -0.19 36.93
C SER B 82 12.48 -1.54 36.83
N VAL B 83 12.32 -2.04 35.63
CA VAL B 83 11.63 -3.32 35.43
C VAL B 83 12.37 -4.45 36.15
N LEU B 84 13.66 -4.60 35.85
CA LEU B 84 14.50 -5.65 36.44
C LEU B 84 14.45 -5.61 37.97
N LYS B 85 14.50 -4.41 38.54
CA LYS B 85 14.35 -4.28 39.98
C LYS B 85 13.00 -4.88 40.43
N ALA B 86 11.90 -4.40 39.84
CA ALA B 86 10.58 -4.84 40.24
C ALA B 86 10.30 -6.34 40.00
N ILE B 87 11.09 -6.98 39.14
CA ILE B 87 10.92 -8.43 38.93
C ILE B 87 11.50 -9.19 40.11
N LYS B 88 12.64 -8.69 40.61
CA LYS B 88 13.29 -9.29 41.77
C LYS B 88 12.52 -8.92 43.04
N ALA B 89 12.03 -7.69 43.12
CA ALA B 89 11.15 -7.33 44.24
C ALA B 89 9.81 -8.11 44.23
N GLN B 90 9.62 -8.93 43.21
CA GLN B 90 8.44 -9.81 43.13
C GLN B 90 7.12 -9.07 43.01
N LYS B 91 7.14 -7.89 42.37
CA LYS B 91 5.94 -7.10 42.10
C LYS B 91 5.42 -7.33 40.68
N TYR B 92 4.21 -6.83 40.42
CA TYR B 92 3.65 -6.83 39.07
C TYR B 92 4.00 -5.54 38.33
N VAL B 93 4.61 -5.71 37.17
CA VAL B 93 5.06 -4.56 36.40
C VAL B 93 4.31 -4.45 35.09
N PHE B 94 3.67 -3.29 34.92
CA PHE B 94 3.15 -2.90 33.63
C PHE B 94 4.12 -1.93 33.02
N CYS B 95 4.69 -2.31 31.89
CA CYS B 95 5.71 -1.48 31.30
C CYS B 95 5.32 -0.86 29.95
N GLU B 96 5.28 0.48 29.92
CA GLU B 96 5.06 1.23 28.67
C GLU B 96 6.22 1.06 27.70
N VAL B 97 5.94 1.11 26.39
CA VAL B 97 7.00 0.92 25.39
C VAL B 97 8.03 2.07 25.42
N PRO B 98 9.33 1.73 25.24
CA PRO B 98 9.81 0.38 24.91
C PRO B 98 9.98 -0.45 26.17
N LEU B 99 10.08 -1.77 26.02
CA LEU B 99 10.40 -2.62 27.15
C LEU B 99 11.75 -2.20 27.72
N ALA B 100 12.75 -2.17 26.84
CA ALA B 100 14.07 -1.60 27.12
C ALA B 100 14.62 -1.10 25.79
N THR B 101 15.51 -0.11 25.82
CA THR B 101 16.00 0.48 24.57
C THR B 101 16.86 -0.46 23.68
N THR B 102 17.55 -1.43 24.31
CA THR B 102 18.44 -2.37 23.58
C THR B 102 17.92 -3.81 23.53
N ALA B 103 18.18 -4.52 22.43
CA ALA B 103 17.69 -5.90 22.28
C ALA B 103 18.13 -6.86 23.41
N GLU B 104 19.36 -6.73 23.89
CA GLU B 104 19.84 -7.58 24.99
C GLU B 104 19.20 -7.19 26.33
N GLY B 105 18.93 -5.90 26.50
CA GLY B 105 18.26 -5.41 27.71
C GLY B 105 16.92 -6.09 27.88
N CYS B 106 16.27 -6.39 26.76
CA CYS B 106 15.00 -7.11 26.79
C CYS B 106 15.29 -8.54 27.19
N MET B 107 16.41 -9.07 26.68
CA MET B 107 16.82 -10.45 26.95
C MET B 107 17.15 -10.66 28.43
N ARG B 108 17.82 -9.67 29.04
CA ARG B 108 18.12 -9.74 30.47
C ARG B 108 16.84 -9.80 31.30
N ILE B 109 15.82 -9.09 30.84
CA ILE B 109 14.51 -9.07 31.48
C ILE B 109 13.72 -10.35 31.29
N VAL B 110 13.83 -10.96 30.12
CA VAL B 110 13.22 -12.26 29.89
C VAL B 110 13.78 -13.28 30.88
N GLU B 111 15.10 -13.38 30.93
CA GLU B 111 15.79 -14.35 31.78
C GLU B 111 15.36 -14.23 33.24
N GLU B 112 15.27 -13.01 33.75
CA GLU B 112 14.80 -12.80 35.12
C GLU B 112 13.40 -13.36 35.36
N GLU B 113 12.47 -13.04 34.47
CA GLU B 113 11.08 -13.48 34.62
C GLU B 113 10.95 -15.00 34.53
N ILE B 114 11.80 -15.63 33.74
CA ILE B 114 11.79 -17.08 33.59
C ILE B 114 12.06 -17.74 34.94
N LYS B 115 13.05 -17.23 35.66
CA LYS B 115 13.36 -17.69 37.00
C LYS B 115 12.16 -17.54 37.92
N VAL B 116 11.72 -16.31 38.08
CA VAL B 116 10.63 -15.97 38.98
C VAL B 116 9.30 -16.76 38.76
N GLY B 117 9.32 -17.69 37.81
CA GLY B 117 8.29 -18.71 37.73
C GLY B 117 6.91 -18.35 37.20
N LYS B 118 6.50 -17.09 37.33
CA LYS B 118 5.23 -16.65 36.73
C LYS B 118 5.33 -15.29 36.02
N ARG B 119 4.37 -15.02 35.14
CA ARG B 119 4.34 -13.77 34.38
C ARG B 119 3.95 -12.58 35.24
N LEU B 120 4.88 -11.63 35.40
CA LEU B 120 4.62 -10.37 36.10
C LEU B 120 4.77 -9.20 35.16
N VAL B 121 5.25 -9.47 33.95
CA VAL B 121 5.50 -8.44 32.93
C VAL B 121 4.44 -8.33 31.81
N GLN B 122 3.78 -7.18 31.76
CA GLN B 122 2.89 -6.86 30.65
C GLN B 122 3.47 -5.63 29.97
N VAL B 123 3.71 -5.76 28.66
CA VAL B 123 4.15 -4.63 27.87
C VAL B 123 2.97 -3.82 27.27
N GLY B 124 3.06 -2.50 27.39
CA GLY B 124 1.98 -1.58 27.02
C GLY B 124 1.73 -1.34 25.53
N PHE B 125 1.71 -2.44 24.76
CA PHE B 125 1.35 -2.43 23.36
C PHE B 125 -0.16 -2.46 23.18
N MET B 126 -0.77 -1.29 23.34
CA MET B 126 -2.23 -1.16 23.48
C MET B 126 -3.04 -1.57 22.25
N ARG B 127 -2.44 -1.45 21.07
CA ARG B 127 -3.15 -1.82 19.86
C ARG B 127 -3.90 -3.17 19.94
N ARG B 128 -3.45 -4.09 20.80
CA ARG B 128 -4.12 -5.40 20.89
C ARG B 128 -5.50 -5.32 21.57
N TYR B 129 -5.83 -4.16 22.12
CA TYR B 129 -7.10 -3.98 22.84
C TYR B 129 -8.02 -3.00 22.13
N ASP B 130 -7.55 -2.46 21.00
CA ASP B 130 -8.40 -1.66 20.12
C ASP B 130 -9.37 -2.59 19.37
N SER B 131 -10.64 -2.17 19.31
CA SER B 131 -11.72 -3.03 18.80
C SER B 131 -11.54 -3.38 17.33
N GLY B 132 -11.03 -2.40 16.57
CA GLY B 132 -10.58 -2.62 15.21
C GLY B 132 -9.68 -3.85 15.14
N TYR B 133 -8.51 -3.75 15.80
CA TYR B 133 -7.52 -4.83 15.68
C TYR B 133 -8.00 -6.20 16.19
N VAL B 134 -8.93 -6.16 17.14
CA VAL B 134 -9.53 -7.38 17.67
C VAL B 134 -10.43 -8.03 16.65
N GLN B 135 -11.16 -7.21 15.88
CA GLN B 135 -12.03 -7.74 14.82
C GLN B 135 -11.18 -8.38 13.73
N LEU B 136 -10.07 -7.72 13.41
CA LEU B 136 -9.11 -8.23 12.44
C LEU B 136 -8.61 -9.58 12.91
N LYS B 137 -8.10 -9.58 14.15
CA LYS B 137 -7.64 -10.81 14.80
C LYS B 137 -8.70 -11.94 14.69
N GLU B 138 -9.92 -11.61 15.11
CA GLU B 138 -11.07 -12.50 15.02
C GLU B 138 -11.24 -13.17 13.67
N ALA B 139 -11.26 -12.37 12.60
CA ALA B 139 -11.44 -12.86 11.24
C ALA B 139 -10.31 -13.79 10.80
N LEU B 140 -9.08 -13.38 11.08
CA LEU B 140 -7.91 -14.19 10.74
C LEU B 140 -7.91 -15.56 11.41
N ASP B 141 -8.35 -15.59 12.68
CA ASP B 141 -8.50 -16.79 13.49
C ASP B 141 -9.60 -17.68 12.94
N ASN B 142 -10.52 -17.07 12.20
CA ASN B 142 -11.62 -17.82 11.62
C ASN B 142 -11.37 -18.19 10.17
N HIS B 143 -10.21 -17.79 9.67
CA HIS B 143 -9.79 -18.18 8.33
C HIS B 143 -10.64 -17.53 7.24
N VAL B 144 -11.34 -16.47 7.62
CA VAL B 144 -12.23 -15.76 6.70
C VAL B 144 -11.57 -15.57 5.33
N ILE B 145 -10.38 -14.97 5.31
CA ILE B 145 -9.74 -14.68 4.05
C ILE B 145 -8.70 -15.72 3.69
N GLY B 146 -8.72 -16.86 4.39
CA GLY B 146 -7.70 -17.88 4.18
C GLY B 146 -6.31 -17.43 4.60
N GLU B 147 -5.28 -17.93 3.91
CA GLU B 147 -3.90 -17.62 4.26
C GLU B 147 -3.44 -16.21 3.87
N PRO B 148 -3.07 -15.41 4.86
CA PRO B 148 -2.50 -14.06 4.64
C PRO B 148 -1.26 -14.07 3.72
N LEU B 149 -1.20 -13.11 2.78
CA LEU B 149 -0.12 -13.05 1.81
C LEU B 149 0.61 -11.71 1.84
N MET B 150 -0.13 -10.62 1.97
CA MET B 150 0.49 -9.29 2.08
C MET B 150 -0.21 -8.39 3.09
N ILE B 151 0.49 -7.37 3.53
CA ILE B 151 -0.06 -6.38 4.43
C ILE B 151 0.40 -5.00 3.98
N HIS B 152 -0.53 -4.05 3.91
CA HIS B 152 -0.17 -2.68 3.56
C HIS B 152 -0.59 -1.83 4.71
N CYS B 153 0.28 -0.97 5.21
CA CYS B 153 -0.15 -0.13 6.34
C CYS B 153 0.60 1.16 6.46
N ALA B 154 0.04 2.07 7.24
CA ALA B 154 0.55 3.42 7.29
C ALA B 154 0.40 3.92 8.70
N HIS B 155 1.37 4.71 9.15
CA HIS B 155 1.27 5.38 10.41
C HIS B 155 1.60 6.81 10.08
N ARG B 156 0.61 7.69 10.18
CA ARG B 156 0.81 9.08 9.72
C ARG B 156 0.47 10.07 10.83
N ASN B 157 1.20 11.18 10.88
CA ASN B 157 1.07 12.15 11.95
C ASN B 157 1.18 13.53 11.33
N PRO B 158 0.40 14.50 11.84
CA PRO B 158 0.39 15.82 11.18
C PRO B 158 1.78 16.46 11.07
N THR B 159 2.41 16.76 12.20
CA THR B 159 3.75 17.32 12.20
C THR B 159 4.47 16.82 13.46
N VAL B 160 5.79 16.98 13.51
CA VAL B 160 6.54 16.65 14.72
C VAL B 160 7.47 17.78 15.13
N GLY B 161 8.05 17.65 16.33
CA GLY B 161 8.89 18.70 16.90
C GLY B 161 10.31 18.70 16.36
N ASP B 162 11.16 19.54 16.93
CA ASP B 162 12.56 19.62 16.54
C ASP B 162 13.32 18.43 17.11
N ASN B 163 12.77 17.84 18.16
CA ASN B 163 13.38 16.71 18.87
C ASN B 163 13.13 15.34 18.21
N TYR B 164 12.47 15.36 17.06
CA TYR B 164 12.09 14.11 16.40
C TYR B 164 13.05 13.71 15.28
N THR B 165 13.70 12.57 15.47
CA THR B 165 14.84 12.19 14.65
C THR B 165 14.59 10.94 13.81
N THR B 166 15.39 10.80 12.76
CA THR B 166 15.20 9.78 11.73
C THR B 166 15.06 8.34 12.23
N ASP B 167 15.50 8.07 13.45
CA ASP B 167 15.39 6.69 13.93
C ASP B 167 14.11 6.53 14.76
N MET B 168 13.65 7.62 15.34
CA MET B 168 12.46 7.56 16.18
C MET B 168 11.31 7.01 15.36
N ALA B 169 11.34 7.25 14.06
CA ALA B 169 10.37 6.69 13.13
C ALA B 169 10.23 5.14 13.22
N VAL B 170 11.31 4.43 13.50
CA VAL B 170 11.24 2.98 13.59
C VAL B 170 11.25 2.52 15.02
N VAL B 171 11.46 3.46 15.94
CA VAL B 171 11.65 3.13 17.35
C VAL B 171 10.44 3.48 18.20
N ASP B 172 10.10 4.77 18.23
CA ASP B 172 8.91 5.25 18.91
C ASP B 172 7.60 4.97 18.13
N THR B 173 7.69 4.96 16.80
CA THR B 173 6.50 5.00 15.93
C THR B 173 6.14 3.68 15.30
N LEU B 174 6.97 3.20 14.38
CA LEU B 174 6.61 1.99 13.67
C LEU B 174 6.59 0.77 14.61
N VAL B 175 7.00 1.03 15.85
CA VAL B 175 7.13 -0.04 16.83
C VAL B 175 5.79 -0.78 17.10
N HIS B 176 4.69 -0.02 17.23
CA HIS B 176 3.37 -0.61 17.50
C HIS B 176 2.90 -1.56 16.39
N GLU B 177 3.08 -1.13 15.14
CA GLU B 177 2.81 -1.99 13.97
C GLU B 177 3.61 -3.25 14.09
N ILE B 178 4.90 -3.06 14.44
CA ILE B 178 5.81 -4.18 14.54
C ILE B 178 5.29 -5.19 15.54
N ASP B 179 4.69 -4.69 16.63
CA ASP B 179 4.11 -5.60 17.61
C ASP B 179 2.83 -6.24 17.09
N VAL B 180 1.87 -5.36 16.78
CA VAL B 180 0.54 -5.80 16.41
C VAL B 180 0.51 -6.68 15.15
N LEU B 181 1.41 -6.39 14.20
CA LEU B 181 1.41 -7.14 12.96
C LEU B 181 1.73 -8.63 13.12
N HIS B 182 2.82 -8.94 13.81
CA HIS B 182 3.16 -10.35 13.98
C HIS B 182 2.18 -11.04 14.95
N TRP B 183 1.63 -10.27 15.88
CA TRP B 183 0.61 -10.83 16.74
C TRP B 183 -0.53 -11.43 15.90
N LEU B 184 -0.95 -10.65 14.90
CA LEU B 184 -2.11 -10.95 14.06
C LEU B 184 -1.93 -12.18 13.18
N VAL B 185 -0.85 -12.16 12.42
CA VAL B 185 -0.55 -13.18 11.43
C VAL B 185 0.05 -14.44 12.03
N ASN B 186 0.53 -14.33 13.27
CA ASN B 186 1.17 -15.44 13.94
C ASN B 186 2.40 -15.93 13.15
N ASP B 187 3.36 -15.02 12.98
CA ASP B 187 4.61 -15.32 12.30
C ASP B 187 5.74 -14.46 12.88
N ASP B 188 6.97 -14.89 12.65
CA ASP B 188 8.15 -14.14 13.08
C ASP B 188 8.72 -13.41 11.88
N TYR B 189 9.22 -12.21 12.13
CA TYR B 189 9.86 -11.44 11.09
C TYR B 189 11.19 -12.09 10.62
N GLU B 190 11.47 -11.99 9.32
CA GLU B 190 12.67 -12.59 8.72
C GLU B 190 13.61 -11.60 7.99
N SER B 191 13.11 -10.43 7.56
CA SER B 191 13.98 -9.36 7.06
C SER B 191 13.31 -7.97 6.96
N VAL B 192 14.03 -6.93 7.34
CA VAL B 192 13.58 -5.56 7.06
C VAL B 192 14.35 -4.96 5.88
N GLN B 193 13.85 -3.84 5.37
CA GLN B 193 14.51 -3.08 4.33
C GLN B 193 13.84 -1.73 4.25
N VAL B 194 14.55 -0.68 4.63
CA VAL B 194 14.04 0.67 4.45
C VAL B 194 14.26 1.20 3.02
N ILE B 195 13.37 2.10 2.59
CA ILE B 195 13.46 2.80 1.31
C ILE B 195 12.96 4.22 1.48
N TYR B 196 13.79 5.21 1.18
CA TYR B 196 13.38 6.61 1.36
C TYR B 196 12.80 7.28 0.11
N PRO B 197 11.56 7.79 0.20
CA PRO B 197 11.05 8.53 -0.94
C PRO B 197 11.53 9.97 -0.87
N LYS B 198 11.17 10.76 -1.87
CA LYS B 198 11.40 12.20 -1.87
C LYS B 198 11.18 12.73 -0.45
N LYS B 199 12.04 13.63 0.02
CA LYS B 199 11.84 14.23 1.35
C LYS B 199 10.70 15.25 1.32
N SER B 200 9.91 15.29 2.40
CA SER B 200 8.75 16.16 2.47
C SER B 200 9.13 17.58 2.84
N LYS B 201 8.34 18.55 2.39
CA LYS B 201 8.61 19.95 2.68
C LYS B 201 8.23 20.26 4.13
N ASN B 202 7.42 19.39 4.72
CA ASN B 202 6.94 19.59 6.09
C ASN B 202 7.92 18.99 7.09
N ALA B 203 8.76 18.09 6.60
CA ALA B 203 9.81 17.52 7.44
C ALA B 203 10.98 18.50 7.59
N LEU B 204 11.52 18.59 8.79
CA LEU B 204 12.70 19.40 9.04
C LEU B 204 13.91 18.81 8.31
N PRO B 205 15.00 19.58 8.18
CA PRO B 205 16.13 19.14 7.37
C PRO B 205 16.84 17.93 7.95
N HIS B 206 16.90 17.87 9.27
CA HIS B 206 17.64 16.82 9.96
C HIS B 206 16.91 15.46 10.02
N LEU B 207 15.70 15.41 9.46
CA LEU B 207 14.86 14.22 9.53
C LEU B 207 14.51 13.68 8.15
N LYS B 208 14.64 12.36 7.98
CA LYS B 208 14.21 11.70 6.74
C LYS B 208 12.74 11.25 6.85
N ASP B 209 11.86 11.89 6.08
CA ASP B 209 10.42 11.73 6.18
C ASP B 209 9.74 12.04 4.84
N PRO B 210 9.02 11.08 4.26
CA PRO B 210 8.58 9.79 4.80
C PRO B 210 9.63 8.73 4.74
N GLN B 211 9.18 7.48 4.81
CA GLN B 211 10.00 6.32 4.51
C GLN B 211 9.13 5.08 4.43
N ILE B 212 9.37 4.25 3.45
CA ILE B 212 8.69 2.97 3.38
C ILE B 212 9.53 2.01 4.19
N VAL B 213 8.98 0.86 4.53
CA VAL B 213 9.72 -0.16 5.24
C VAL B 213 9.14 -1.49 4.84
N VAL B 214 9.96 -2.35 4.27
CA VAL B 214 9.41 -3.60 3.81
C VAL B 214 9.88 -4.71 4.69
N ILE B 215 8.97 -5.58 5.08
CA ILE B 215 9.27 -6.64 6.02
C ILE B 215 8.76 -7.97 5.53
N GLU B 216 9.66 -8.92 5.28
CA GLU B 216 9.22 -10.28 5.01
C GLU B 216 9.10 -11.00 6.32
N THR B 217 8.32 -12.07 6.36
CA THR B 217 8.26 -12.93 7.53
C THR B 217 8.81 -14.27 7.08
N LYS B 218 8.87 -15.23 7.99
CA LYS B 218 9.31 -16.58 7.64
C LYS B 218 8.37 -17.24 6.63
N GLY B 219 7.07 -17.12 6.89
CA GLY B 219 6.03 -17.75 6.08
C GLY B 219 5.96 -17.29 4.63
N GLY B 220 6.34 -16.03 4.41
CA GLY B 220 6.33 -15.47 3.07
C GLY B 220 5.44 -14.24 2.98
N ILE B 221 4.86 -13.87 4.10
CA ILE B 221 4.07 -12.65 4.16
C ILE B 221 4.97 -11.43 3.88
N VAL B 222 4.51 -10.54 3.01
CA VAL B 222 5.25 -9.34 2.73
C VAL B 222 4.43 -8.13 3.16
N ILE B 223 5.11 -7.18 3.78
CA ILE B 223 4.44 -6.10 4.43
C ILE B 223 5.12 -4.86 4.00
N ASN B 224 4.44 -3.99 3.27
CA ASN B 224 5.03 -2.67 3.21
C ASN B 224 4.28 -1.75 4.11
N ALA B 225 5.04 -0.85 4.70
CA ALA B 225 4.59 -0.08 5.82
C ALA B 225 5.10 1.35 5.69
N GLU B 226 4.18 2.28 5.56
CA GLU B 226 4.57 3.64 5.33
C GLU B 226 4.59 4.34 6.66
N ILE B 227 5.61 5.15 6.90
CA ILE B 227 5.62 6.03 8.05
C ILE B 227 5.83 7.44 7.54
N TYR B 228 4.87 8.30 7.81
CA TYR B 228 4.99 9.68 7.37
C TYR B 228 4.46 10.57 8.49
N VAL B 229 5.35 11.21 9.24
CA VAL B 229 4.94 11.94 10.43
C VAL B 229 4.86 13.47 10.23
N ASN B 230 4.99 13.93 9.00
CA ASN B 230 4.70 15.34 8.68
C ASN B 230 3.67 15.45 7.56
N CYS B 231 2.68 14.54 7.59
CA CYS B 231 1.67 14.43 6.54
C CYS B 231 0.68 15.58 6.53
N LYS B 232 0.67 16.35 7.61
CA LYS B 232 -0.06 17.62 7.70
C LYS B 232 -1.58 17.54 7.87
N TYR B 233 -2.19 16.49 7.35
CA TYR B 233 -3.65 16.42 7.31
C TYR B 233 -4.28 15.84 8.56
N GLY B 234 -3.59 14.89 9.20
CA GLY B 234 -4.13 14.28 10.42
C GLY B 234 -3.28 13.18 11.02
N TYR B 235 -3.77 12.56 12.08
CA TYR B 235 -3.14 11.37 12.60
C TYR B 235 -4.00 10.21 12.08
N ASP B 236 -3.37 9.24 11.43
CA ASP B 236 -4.13 8.25 10.68
C ASP B 236 -3.43 6.89 10.62
N ILE B 237 -4.13 5.85 11.02
CA ILE B 237 -3.54 4.52 11.09
C ILE B 237 -4.28 3.63 10.11
N GLN B 238 -3.55 2.98 9.23
CA GLN B 238 -4.20 2.18 8.21
C GLN B 238 -3.54 0.84 8.15
N CYS B 239 -4.35 -0.20 7.99
CA CYS B 239 -3.81 -1.55 7.90
C CYS B 239 -4.77 -2.40 7.10
N GLU B 240 -4.28 -2.93 5.98
CA GLU B 240 -5.05 -3.80 5.11
C GLU B 240 -4.27 -5.09 4.91
N ILE B 241 -4.95 -6.22 5.14
CA ILE B 241 -4.34 -7.52 5.05
C ILE B 241 -4.91 -8.27 3.88
N VAL B 242 -4.09 -8.54 2.87
CA VAL B 242 -4.57 -9.33 1.76
C VAL B 242 -4.32 -10.81 1.98
N GLY B 243 -5.32 -11.64 1.74
CA GLY B 243 -5.15 -13.07 1.89
C GLY B 243 -5.47 -13.82 0.63
N GLU B 244 -5.48 -15.14 0.72
CA GLU B 244 -5.57 -15.96 -0.48
C GLU B 244 -6.92 -15.74 -1.16
N ASP B 245 -7.97 -15.57 -0.36
CA ASP B 245 -9.34 -15.54 -0.88
C ASP B 245 -10.12 -14.26 -0.56
N GLY B 246 -9.46 -13.27 0.03
CA GLY B 246 -10.15 -12.06 0.39
C GLY B 246 -9.26 -11.03 1.05
N ILE B 247 -9.84 -9.87 1.37
CA ILE B 247 -9.12 -8.79 2.02
C ILE B 247 -9.86 -8.20 3.21
N ILE B 248 -9.18 -8.08 4.34
CA ILE B 248 -9.75 -7.39 5.50
C ILE B 248 -8.96 -6.13 5.83
N LYS B 249 -9.65 -5.12 6.35
CA LYS B 249 -9.02 -3.82 6.49
C LYS B 249 -9.53 -3.10 7.75
N LEU B 250 -8.63 -2.36 8.39
CA LEU B 250 -8.94 -1.68 9.62
C LEU B 250 -9.88 -0.50 9.36
N PRO B 251 -10.80 -0.22 10.31
CA PRO B 251 -11.78 0.87 10.20
C PRO B 251 -11.23 2.26 10.48
N GLU B 252 -12.08 3.25 10.22
CA GLU B 252 -11.77 4.62 10.59
C GLU B 252 -12.41 4.87 11.95
N PRO B 253 -11.77 5.73 12.76
CA PRO B 253 -12.44 6.29 13.95
C PRO B 253 -13.87 6.73 13.59
N SER B 254 -14.90 6.28 14.33
CA SER B 254 -16.30 6.72 14.10
C SER B 254 -16.48 8.22 13.90
N SER B 255 -17.16 8.62 12.83
CA SER B 255 -17.44 10.05 12.62
C SER B 255 -18.82 10.37 12.02
N ILE B 256 -19.36 11.51 12.41
CA ILE B 256 -20.53 12.02 11.72
C ILE B 256 -20.13 12.57 10.33
N SER B 257 -20.90 12.17 9.31
CA SER B 257 -20.69 12.65 7.95
C SER B 257 -21.34 14.00 7.80
N LEU B 258 -20.73 14.85 7.00
CA LEU B 258 -21.32 16.15 6.70
C LEU B 258 -21.45 16.40 5.18
N ARG B 259 -22.54 17.03 4.75
CA ARG B 259 -22.67 17.47 3.37
C ARG B 259 -22.72 18.99 3.30
N LYS B 260 -21.68 19.64 2.80
CA LYS B 260 -21.68 21.09 2.80
C LYS B 260 -20.67 21.59 1.81
N GLU B 261 -21.01 22.68 1.14
CA GLU B 261 -20.12 23.30 0.13
C GLU B 261 -19.40 22.31 -0.80
N GLY B 262 -20.17 21.57 -1.58
CA GLY B 262 -19.58 20.71 -2.58
C GLY B 262 -19.04 19.37 -2.12
N ARG B 263 -18.81 19.19 -0.82
CA ARG B 263 -18.08 18.02 -0.36
C ARG B 263 -18.89 17.12 0.58
N PHE B 264 -18.56 15.82 0.62
CA PHE B 264 -19.19 14.86 1.51
C PHE B 264 -18.20 14.25 2.51
N SER B 265 -17.86 15.02 3.53
CA SER B 265 -16.79 14.72 4.49
C SER B 265 -17.10 13.83 5.70
N THR B 266 -16.08 13.12 6.17
CA THR B 266 -16.05 12.66 7.55
C THR B 266 -14.87 13.34 8.23
N ASP B 267 -14.58 12.94 9.46
CA ASP B 267 -13.56 13.62 10.25
C ASP B 267 -12.35 12.77 10.52
N ILE B 268 -11.18 13.42 10.44
CA ILE B 268 -9.88 12.81 10.75
C ILE B 268 -9.23 13.45 11.97
N LEU B 269 -8.72 12.61 12.87
CA LEU B 269 -8.15 13.08 14.15
C LEU B 269 -6.84 13.83 13.93
N MET B 270 -6.49 14.72 14.86
CA MET B 270 -5.19 15.40 14.81
C MET B 270 -4.25 14.95 15.93
N ASP B 271 -4.81 14.44 17.03
CA ASP B 271 -4.02 14.12 18.21
C ASP B 271 -3.81 12.63 18.48
N TRP B 272 -2.60 12.18 18.16
CA TRP B 272 -2.23 10.80 18.37
C TRP B 272 -2.80 10.22 19.67
N GLN B 273 -2.96 11.06 20.71
CA GLN B 273 -3.40 10.56 22.02
C GLN B 273 -4.83 10.02 21.92
N ARG B 274 -5.67 10.82 21.25
CA ARG B 274 -7.09 10.53 21.08
C ARG B 274 -7.43 9.24 20.33
N ARG B 275 -6.54 8.81 19.43
CA ARG B 275 -6.82 7.65 18.59
C ARG B 275 -7.00 6.34 19.37
N PHE B 276 -6.32 6.19 20.50
CA PHE B 276 -6.36 4.90 21.19
C PHE B 276 -6.84 4.92 22.65
N VAL B 277 -7.26 6.12 23.09
CA VAL B 277 -7.86 6.32 24.40
C VAL B 277 -8.61 5.11 24.97
N ALA B 278 -9.38 4.41 24.17
CA ALA B 278 -10.16 3.29 24.71
C ALA B 278 -9.41 1.98 24.80
N ALA B 279 -8.27 1.89 24.13
CA ALA B 279 -7.49 0.65 24.21
C ALA B 279 -6.60 0.75 25.44
N TYR B 280 -6.18 1.97 25.78
CA TYR B 280 -5.49 2.20 27.05
C TYR B 280 -6.35 1.72 28.20
N ASP B 281 -7.55 2.28 28.34
CA ASP B 281 -8.51 1.86 29.35
C ASP B 281 -8.69 0.34 29.42
N VAL B 282 -8.94 -0.32 28.31
CA VAL B 282 -9.23 -1.75 28.33
C VAL B 282 -8.01 -2.53 28.77
N GLU B 283 -6.85 -1.96 28.47
CA GLU B 283 -5.54 -2.58 28.63
C GLU B 283 -5.10 -2.63 30.10
N ILE B 284 -5.15 -1.48 30.76
CA ILE B 284 -4.92 -1.35 32.20
C ILE B 284 -5.90 -2.22 32.94
N GLN B 285 -7.20 -1.92 32.81
CA GLN B 285 -8.25 -2.77 33.38
C GLN B 285 -7.99 -4.27 33.25
N ASP B 286 -7.38 -4.72 32.16
CA ASP B 286 -7.09 -6.14 31.97
C ASP B 286 -5.84 -6.58 32.73
N PHE B 287 -4.96 -5.63 32.98
CA PHE B 287 -3.80 -5.87 33.84
C PHE B 287 -4.38 -6.18 35.22
N ILE B 288 -5.07 -5.21 35.80
CA ILE B 288 -5.79 -5.38 37.05
C ILE B 288 -6.56 -6.69 37.11
N ASP B 289 -7.65 -6.78 36.35
CA ASP B 289 -8.54 -7.96 36.40
C ASP B 289 -7.78 -9.26 36.23
N SER B 290 -6.75 -9.25 35.40
CA SER B 290 -6.03 -10.48 35.08
C SER B 290 -5.22 -10.90 36.30
N ILE B 291 -4.88 -9.94 37.13
CA ILE B 291 -4.11 -10.21 38.34
C ILE B 291 -4.99 -10.72 39.48
N GLN B 292 -5.97 -9.91 39.86
CA GLN B 292 -6.91 -10.25 40.92
C GLN B 292 -7.68 -11.57 40.74
N LYS B 293 -7.63 -12.17 39.55
CA LYS B 293 -8.45 -13.33 39.26
C LYS B 293 -7.67 -14.40 38.51
N LYS B 294 -6.37 -14.52 38.80
CA LYS B 294 -5.49 -15.42 38.03
C LYS B 294 -4.09 -15.49 38.62
N GLY B 295 -3.71 -14.44 39.35
CA GLY B 295 -2.39 -14.35 39.94
C GLY B 295 -1.23 -14.25 38.96
N GLU B 296 -1.50 -13.73 37.76
CA GLU B 296 -0.46 -13.42 36.78
C GLU B 296 -0.99 -12.40 35.79
N VAL B 297 -0.11 -11.83 34.98
CA VAL B 297 -0.54 -10.85 33.97
C VAL B 297 -0.94 -11.55 32.66
N SER B 298 -1.69 -10.85 31.81
CA SER B 298 -2.27 -11.49 30.65
C SER B 298 -1.67 -11.03 29.32
N GLY B 299 -1.62 -9.71 29.12
CA GLY B 299 -1.37 -9.13 27.81
C GLY B 299 -0.11 -9.54 27.06
N PRO B 300 0.47 -8.59 26.32
CA PRO B 300 1.73 -8.84 25.60
C PRO B 300 2.89 -9.17 26.56
N THR B 301 3.58 -10.28 26.26
CA THR B 301 4.66 -10.79 27.07
C THR B 301 5.94 -9.98 26.98
N ALA B 302 6.87 -10.27 27.90
CA ALA B 302 8.17 -9.62 27.93
C ALA B 302 8.96 -10.11 26.73
N TRP B 303 8.53 -11.25 26.21
CA TRP B 303 9.14 -11.83 25.03
C TRP B 303 8.79 -11.01 23.80
N ASP B 304 7.52 -10.61 23.76
CA ASP B 304 7.00 -9.82 22.66
C ASP B 304 7.73 -8.49 22.60
N GLY B 305 8.07 -7.94 23.77
CA GLY B 305 8.90 -6.74 23.85
C GLY B 305 10.30 -6.96 23.31
N TYR B 306 10.81 -8.19 23.46
CA TYR B 306 12.10 -8.55 22.89
C TYR B 306 12.01 -8.56 21.34
N ILE B 307 11.00 -9.22 20.78
CA ILE B 307 10.83 -9.24 19.33
C ILE B 307 10.75 -7.81 18.78
N ALA B 308 10.07 -6.93 19.50
CA ALA B 308 10.06 -5.52 19.12
C ALA B 308 11.48 -4.97 19.08
N ALA B 309 12.25 -5.18 20.14
CA ALA B 309 13.61 -4.68 20.20
C ALA B 309 14.54 -5.22 19.09
N VAL B 310 14.46 -6.52 18.77
CA VAL B 310 15.30 -7.11 17.73
C VAL B 310 15.02 -6.46 16.39
N THR B 311 13.73 -6.42 16.07
CA THR B 311 13.21 -5.94 14.81
C THR B 311 13.33 -4.41 14.66
N THR B 312 13.12 -3.68 15.75
CA THR B 312 13.44 -2.25 15.77
C THR B 312 14.91 -2.02 15.43
N ASP B 313 15.78 -2.89 15.93
CA ASP B 313 17.22 -2.79 15.67
C ASP B 313 17.52 -3.11 14.21
N ALA B 314 16.99 -4.24 13.74
CA ALA B 314 17.09 -4.60 12.32
C ALA B 314 16.76 -3.41 11.42
N CYS B 315 15.77 -2.63 11.83
CA CYS B 315 15.32 -1.48 11.05
C CYS B 315 16.33 -0.35 11.03
N VAL B 316 16.69 0.16 12.20
CA VAL B 316 17.63 1.28 12.27
C VAL B 316 18.97 0.92 11.61
N LYS B 317 19.23 -0.39 11.53
CA LYS B 317 20.43 -0.89 10.86
C LYS B 317 20.29 -0.78 9.34
N ALA B 318 19.06 -0.98 8.84
CA ALA B 318 18.78 -0.84 7.41
C ALA B 318 18.49 0.61 7.04
N GLN B 319 18.41 1.46 8.05
CA GLN B 319 18.06 2.86 7.87
C GLN B 319 19.26 3.63 7.37
N GLU B 320 20.43 3.21 7.82
CA GLU B 320 21.64 3.93 7.50
C GLU B 320 22.50 3.15 6.52
N SER B 321 22.12 1.90 6.27
CA SER B 321 22.85 1.04 5.34
C SER B 321 22.26 1.02 3.91
N GLY B 322 20.95 1.22 3.79
CA GLY B 322 20.28 1.11 2.51
C GLY B 322 20.19 -0.33 2.04
N GLN B 323 20.66 -1.25 2.87
CA GLN B 323 20.72 -2.67 2.53
C GLN B 323 19.55 -3.47 3.14
N LYS B 324 19.45 -4.73 2.73
CA LYS B 324 18.44 -5.65 3.26
C LYS B 324 18.92 -6.39 4.52
N GLU B 325 18.80 -5.73 5.68
CA GLU B 325 19.17 -6.31 6.98
C GLU B 325 18.37 -7.55 7.34
N LYS B 326 18.84 -8.29 8.35
CA LYS B 326 18.17 -9.53 8.77
C LYS B 326 17.61 -9.41 10.20
N VAL B 327 16.69 -10.30 10.55
CA VAL B 327 16.15 -10.36 11.90
C VAL B 327 16.40 -11.77 12.45
N GLU B 328 17.40 -11.87 13.33
CA GLU B 328 17.73 -13.12 14.00
C GLU B 328 17.10 -13.14 15.37
N LEU B 329 16.31 -14.15 15.63
CA LEU B 329 15.63 -14.26 16.90
C LEU B 329 16.06 -15.52 17.63
N LYS B 330 16.49 -15.35 18.88
CA LYS B 330 16.81 -16.50 19.72
C LYS B 330 15.57 -17.38 19.90
N GLU B 331 15.79 -18.67 20.13
CA GLU B 331 14.69 -19.62 20.25
C GLU B 331 13.69 -19.20 21.33
N LYS B 332 12.41 -19.33 21.01
CA LYS B 332 11.34 -18.97 21.95
C LYS B 332 11.32 -19.96 23.11
N PRO B 333 11.58 -19.46 24.33
CA PRO B 333 11.65 -20.24 25.59
C PRO B 333 10.34 -20.96 25.87
N GLU B 334 10.43 -22.17 26.42
CA GLU B 334 9.21 -22.93 26.72
C GLU B 334 8.32 -22.23 27.73
N PHE B 335 8.94 -21.42 28.58
CA PHE B 335 8.21 -20.62 29.54
C PHE B 335 7.07 -19.81 28.87
N TYR B 336 7.04 -19.78 27.54
CA TYR B 336 6.14 -18.88 26.85
C TYR B 336 5.15 -19.51 25.86
N GLN B 337 5.00 -20.83 25.90
CA GLN B 337 3.92 -21.49 25.15
C GLN B 337 3.89 -23.01 25.31
PA NAD C . -7.06 -12.44 -30.16
O1A NAD C . -8.42 -12.72 -29.60
O2A NAD C . -6.13 -13.59 -30.01
O5B NAD C . -7.28 -12.05 -31.71
C5B NAD C . -6.24 -11.68 -32.60
C4B NAD C . -6.80 -11.76 -34.03
O4B NAD C . -5.95 -11.06 -34.92
C3B NAD C . -6.90 -13.20 -34.56
O3B NAD C . -8.11 -13.42 -35.26
C2B NAD C . -5.66 -13.34 -35.44
O2B NAD C . -5.88 -14.28 -36.47
C1B NAD C . -5.43 -11.90 -35.94
N9A NAD C . -4.05 -11.51 -36.35
C8A NAD C . -2.86 -11.75 -35.70
N7A NAD C . -1.84 -11.17 -36.38
C5A NAD C . -2.34 -10.55 -37.49
C6A NAD C . -1.75 -9.80 -38.53
N6A NAD C . -0.43 -9.57 -38.60
N1A NAD C . -2.57 -9.28 -39.54
C2A NAD C . -3.94 -9.50 -39.51
N3A NAD C . -4.51 -10.22 -38.48
C4A NAD C . -3.74 -10.75 -37.48
O3 NAD C . -6.40 -11.12 -29.51
PN NAD C . -7.24 -9.91 -28.84
O1N NAD C . -8.18 -9.36 -29.87
O2N NAD C . -7.76 -10.36 -27.53
O5D NAD C . -6.10 -8.82 -28.52
C5D NAD C . -5.31 -8.16 -29.49
C4D NAD C . -4.27 -7.26 -28.82
O4D NAD C . -4.89 -6.31 -27.98
C3D NAD C . -3.29 -8.03 -27.92
O3D NAD C . -2.02 -7.42 -28.02
C2D NAD C . -3.89 -7.87 -26.52
O2D NAD C . -2.96 -8.08 -25.47
C1D NAD C . -4.42 -6.44 -26.63
N1N NAD C . -5.46 -6.03 -25.64
C2N NAD C . -5.41 -4.76 -25.14
C3N NAD C . -6.38 -4.31 -24.24
C7N NAD C . -6.33 -2.90 -23.69
O7N NAD C . -7.37 -2.48 -22.83
N7N NAD C . -5.33 -2.08 -24.09
C4N NAD C . -7.41 -5.16 -23.84
C5N NAD C . -7.47 -6.47 -24.35
C6N NAD C . -6.49 -6.88 -25.25
C1 INS D . -5.52 -7.35 -19.22
C2 INS D . -5.59 -7.90 -17.78
C3 INS D . -6.16 -9.33 -17.69
C4 INS D . -5.59 -10.26 -18.77
C5 INS D . -5.57 -9.64 -20.18
C6 INS D . -4.83 -8.31 -20.21
O1 INS D . -5.00 -5.99 -19.29
O2 INS D . -4.29 -7.92 -17.15
O3 INS D . -5.89 -9.87 -16.39
O4 INS D . -6.32 -11.49 -18.82
O5 INS D . -4.96 -10.53 -21.11
O6 INS D . -4.79 -7.81 -21.57
PA NAD E . 7.79 12.14 29.71
O1A NAD E . 6.53 12.93 29.87
O2A NAD E . 8.96 12.98 29.44
O5B NAD E . 8.05 11.25 31.04
C5B NAD E . 9.33 11.02 31.57
C4B NAD E . 9.29 11.30 33.08
O4B NAD E . 9.94 10.30 33.80
C3B NAD E . 9.95 12.62 33.48
O3B NAD E . 9.04 13.31 34.30
C2B NAD E . 11.22 12.24 34.23
O2B NAD E . 11.51 13.13 35.29
C1B NAD E . 10.88 10.85 34.74
N9A NAD E . 11.97 9.85 34.92
C8A NAD E . 12.98 9.49 34.07
N7A NAD E . 13.63 8.41 34.60
C5A NAD E . 13.03 8.08 35.78
C6A NAD E . 13.25 7.07 36.75
N6A NAD E . 14.23 6.17 36.63
N1A NAD E . 12.44 6.99 37.87
C2A NAD E . 11.41 7.89 38.04
N3A NAD E . 11.19 8.88 37.09
C4A NAD E . 11.98 8.97 35.98
O3 NAD E . 7.67 11.02 28.54
PN NAD E . 6.28 10.51 27.90
O1N NAD E . 5.19 10.80 28.87
O2N NAD E . 6.19 10.97 26.49
O5D NAD E . 6.54 8.93 27.79
C5D NAD E . 7.16 8.14 28.78
C4D NAD E . 7.27 6.72 28.21
O4D NAD E . 6.01 6.34 27.66
C3D NAD E . 8.27 6.59 27.06
O3D NAD E . 8.95 5.36 27.15
C2D NAD E . 7.43 6.61 25.80
O2D NAD E . 8.01 5.82 24.78
C1D NAD E . 6.17 5.95 26.31
N1N NAD E . 4.96 6.23 25.51
C2N NAD E . 4.30 5.16 24.94
C3N NAD E . 3.16 5.38 24.19
C7N NAD E . 2.43 4.22 23.55
O7N NAD E . 1.66 4.49 22.41
N7N NAD E . 2.53 2.98 24.05
C4N NAD E . 2.67 6.67 24.01
C5N NAD E . 3.34 7.76 24.60
C6N NAD E . 4.49 7.52 25.35
C1 INS F . 4.73 8.95 19.69
C2 INS F . 3.81 8.12 18.75
C3 INS F . 3.81 8.54 17.27
C4 INS F . 4.16 10.00 16.98
C5 INS F . 4.44 10.82 18.22
C6 INS F . 5.50 10.06 18.96
O1 INS F . 5.58 8.11 20.50
O2 INS F . 3.98 6.68 18.85
O3 INS F . 4.69 7.67 16.54
O4 INS F . 3.08 10.65 16.31
O5 INS F . 4.90 12.11 17.86
O6 INS F . 6.23 10.96 19.80
#